data_7EXM
#
_entry.id   7EXM
#
_cell.length_a   57.926
_cell.length_b   159.603
_cell.length_c   63.552
_cell.angle_alpha   90.000
_cell.angle_beta   91.194
_cell.angle_gamma   90.000
#
_symmetry.space_group_name_H-M   'P 1 21 1'
#
loop_
_entity.id
_entity.type
_entity.pdbx_description
1 polymer 'Non-structural protein 2'
2 non-polymer 'ZINC ION'
3 non-polymer GLYCEROL
4 water water
#
_entity_poly.entity_id   1
_entity_poly.type   'polypeptide(L)'
_entity_poly.pdbx_seq_one_letter_code
;SMAYTRYVDNNFCGPDGYPLECIKDLLARAGKASCTLSEQLDFIDTKRGVYCCREHEHEIAWYTERSEKSYELQTPFEIK
LAKKFDTFNGECPNFVFPLNSIIKTIQPRVEKKKLDGFMGRIRSVYPVASPNECNQMCLSTLMKCDHCGETSWQTGDFVK
ATCEFCGTENLTKEGATTCGYLPQNAVVKIYCPACHNSEVGPEHSLAEYHNESGLKTILRKGGRTIAFGGCVFSYVGCHN
KCAYWVPRASANIGCNHTGVVGEGSEGLNDNLLEILQK
;
_entity_poly.pdbx_strand_id   A,B,C,D
#
loop_
_chem_comp.id
_chem_comp.type
_chem_comp.name
_chem_comp.formula
GOL non-polymer GLYCEROL 'C3 H8 O3'
ZN non-polymer 'ZINC ION' 'Zn 2'
#
# COMPACT_ATOMS: atom_id res chain seq x y z
N SER A 1 -30.30 24.20 -0.97
CA SER A 1 -31.17 23.32 -1.82
C SER A 1 -32.65 23.41 -1.42
N MET A 2 -33.06 24.53 -0.81
CA MET A 2 -34.49 24.83 -0.49
C MET A 2 -35.19 25.26 -1.78
N ALA A 3 -36.36 25.88 -1.67
CA ALA A 3 -37.09 26.50 -2.79
C ALA A 3 -36.18 27.56 -3.44
N TYR A 4 -35.72 28.52 -2.62
CA TYR A 4 -34.74 29.57 -3.00
C TYR A 4 -33.73 29.77 -1.87
N THR A 5 -32.46 29.94 -2.23
CA THR A 5 -31.38 30.43 -1.33
C THR A 5 -30.38 31.23 -2.17
N ARG A 6 -29.91 32.37 -1.65
CA ARG A 6 -29.07 33.33 -2.39
C ARG A 6 -27.74 32.66 -2.77
N TYR A 7 -27.02 32.15 -1.78
CA TYR A 7 -25.57 31.79 -1.89
C TYR A 7 -25.44 30.38 -2.46
N VAL A 8 -24.58 30.26 -3.46
CA VAL A 8 -24.33 28.99 -4.21
C VAL A 8 -22.82 28.85 -4.43
N ASP A 9 -22.37 27.66 -4.83
CA ASP A 9 -21.00 27.45 -5.36
C ASP A 9 -21.00 27.89 -6.84
N ASN A 10 -19.84 27.81 -7.50
CA ASN A 10 -19.68 28.19 -8.93
C ASN A 10 -20.45 27.22 -9.83
N ASN A 11 -20.92 26.10 -9.30
CA ASN A 11 -21.73 25.09 -10.02
C ASN A 11 -23.22 25.28 -9.68
N PHE A 12 -23.56 26.39 -9.01
CA PHE A 12 -24.94 26.87 -8.73
C PHE A 12 -25.68 25.92 -7.77
N CYS A 13 -24.95 25.08 -7.03
CA CYS A 13 -25.50 24.21 -5.95
C CYS A 13 -25.47 24.98 -4.61
N GLY A 14 -26.36 24.63 -3.69
CA GLY A 14 -26.63 25.40 -2.45
C GLY A 14 -25.59 25.14 -1.37
N PRO A 15 -25.70 25.84 -0.21
CA PRO A 15 -24.77 25.64 0.90
C PRO A 15 -24.80 24.25 1.54
N ASP A 16 -25.86 23.47 1.31
CA ASP A 16 -26.01 22.07 1.82
C ASP A 16 -25.45 21.07 0.79
N GLY A 17 -24.92 21.56 -0.33
CA GLY A 17 -24.30 20.73 -1.38
C GLY A 17 -25.30 20.14 -2.36
N TYR A 18 -26.58 20.53 -2.25
CA TYR A 18 -27.70 20.00 -3.07
C TYR A 18 -28.12 21.07 -4.09
N PRO A 19 -28.82 20.68 -5.19
CA PRO A 19 -29.27 21.64 -6.20
C PRO A 19 -30.49 22.46 -5.74
N LEU A 20 -30.61 23.70 -6.22
CA LEU A 20 -31.77 24.60 -5.94
C LEU A 20 -32.93 24.21 -6.86
N GLU A 21 -34.16 24.19 -6.33
CA GLU A 21 -35.40 23.91 -7.09
C GLU A 21 -35.54 24.95 -8.22
N CYS A 22 -35.32 26.24 -7.90
CA CYS A 22 -35.46 27.36 -8.86
C CYS A 22 -34.54 27.12 -10.07
N ILE A 23 -33.29 26.72 -9.85
CA ILE A 23 -32.31 26.47 -10.94
C ILE A 23 -32.72 25.19 -11.70
N LYS A 24 -33.16 24.15 -10.98
CA LYS A 24 -33.68 22.89 -11.58
C LYS A 24 -34.83 23.22 -12.55
N ASP A 25 -35.74 24.09 -12.13
CA ASP A 25 -36.92 24.54 -12.92
C ASP A 25 -36.42 25.25 -14.19
N LEU A 26 -35.51 26.21 -14.04
CA LEU A 26 -34.92 27.01 -15.15
C LEU A 26 -34.33 26.07 -16.21
N LEU A 27 -33.57 25.06 -15.77
CA LEU A 27 -32.89 24.05 -16.65
C LEU A 27 -33.95 23.18 -17.35
N ALA A 28 -35.00 22.79 -16.63
CA ALA A 28 -36.12 21.97 -17.17
C ALA A 28 -36.83 22.75 -18.28
N ARG A 29 -37.26 23.98 -17.99
CA ARG A 29 -38.01 24.88 -18.92
C ARG A 29 -37.25 25.07 -20.23
N ALA A 30 -35.91 25.08 -20.19
CA ALA A 30 -35.02 25.27 -21.35
C ALA A 30 -34.73 23.94 -22.05
N GLY A 31 -35.21 22.83 -21.48
CA GLY A 31 -35.07 21.47 -22.05
C GLY A 31 -33.68 20.91 -21.84
N LYS A 32 -33.01 21.28 -20.74
CA LYS A 32 -31.59 20.93 -20.46
C LYS A 32 -31.48 20.18 -19.12
N ALA A 33 -32.57 19.56 -18.67
CA ALA A 33 -32.64 18.80 -17.40
C ALA A 33 -31.60 17.67 -17.40
N SER A 34 -31.42 16.99 -18.55
CA SER A 34 -30.61 15.75 -18.69
C SER A 34 -29.29 16.03 -19.42
N CYS A 35 -28.96 17.31 -19.67
CA CYS A 35 -27.63 17.76 -20.19
C CYS A 35 -26.59 17.62 -19.09
N THR A 36 -25.29 17.66 -19.46
CA THR A 36 -24.16 17.62 -18.49
CA THR A 36 -24.15 17.63 -18.50
C THR A 36 -24.11 18.95 -17.72
N LEU A 37 -23.49 18.94 -16.54
CA LEU A 37 -23.36 20.12 -15.66
C LEU A 37 -22.69 21.27 -16.44
N SER A 38 -21.63 20.97 -17.19
CA SER A 38 -20.87 21.93 -18.04
C SER A 38 -21.81 22.67 -19.00
N GLU A 39 -22.73 21.95 -19.65
CA GLU A 39 -23.67 22.48 -20.67
C GLU A 39 -24.75 23.30 -19.96
N GLN A 40 -25.23 22.83 -18.82
CA GLN A 40 -26.25 23.52 -17.98
C GLN A 40 -25.66 24.84 -17.45
N LEU A 41 -24.40 24.83 -17.01
CA LEU A 41 -23.69 26.03 -16.49
C LEU A 41 -23.39 27.01 -17.62
N ASP A 42 -23.08 26.50 -18.82
CA ASP A 42 -22.96 27.33 -20.06
C ASP A 42 -24.26 28.09 -20.28
N PHE A 43 -25.40 27.40 -20.20
CA PHE A 43 -26.77 27.96 -20.41
C PHE A 43 -27.09 28.97 -19.31
N ILE A 44 -26.81 28.63 -18.04
CA ILE A 44 -27.03 29.54 -16.89
C ILE A 44 -26.30 30.87 -17.15
N ASP A 45 -25.07 30.81 -17.67
CA ASP A 45 -24.29 32.04 -17.99
C ASP A 45 -25.00 32.82 -19.10
N THR A 46 -25.62 32.13 -20.06
CA THR A 46 -26.42 32.73 -21.16
C THR A 46 -27.60 33.50 -20.56
N LYS A 47 -28.16 33.00 -19.45
CA LYS A 47 -29.31 33.62 -18.75
C LYS A 47 -28.84 34.65 -17.71
N ARG A 48 -27.56 35.05 -17.78
CA ARG A 48 -26.94 36.15 -16.98
C ARG A 48 -26.48 35.62 -15.63
N GLY A 49 -26.06 34.35 -15.56
CA GLY A 49 -25.38 33.77 -14.39
C GLY A 49 -26.22 33.87 -13.12
N VAL A 50 -25.75 34.65 -12.14
CA VAL A 50 -26.37 34.74 -10.79
C VAL A 50 -27.72 35.49 -10.86
N TYR A 51 -28.03 36.12 -12.00
CA TYR A 51 -29.32 36.80 -12.25
C TYR A 51 -30.23 35.92 -13.13
N CYS A 52 -29.86 34.66 -13.37
CA CYS A 52 -30.56 33.71 -14.29
C CYS A 52 -32.04 33.60 -13.92
N CYS A 53 -32.36 33.53 -12.62
CA CYS A 53 -33.74 33.65 -12.10
C CYS A 53 -34.05 35.14 -11.98
N ARG A 54 -35.00 35.66 -12.75
CA ARG A 54 -35.20 37.14 -12.89
C ARG A 54 -35.80 37.69 -11.60
N GLU A 55 -36.58 36.89 -10.87
CA GLU A 55 -37.43 37.34 -9.75
C GLU A 55 -36.66 37.29 -8.42
N HIS A 56 -35.47 36.69 -8.39
CA HIS A 56 -34.54 36.75 -7.22
C HIS A 56 -33.08 36.70 -7.67
N GLU A 57 -32.16 36.94 -6.73
CA GLU A 57 -30.70 37.03 -7.01
C GLU A 57 -29.97 35.87 -6.35
N HIS A 58 -28.90 35.41 -6.99
CA HIS A 58 -27.93 34.44 -6.41
C HIS A 58 -26.58 35.14 -6.26
N GLU A 59 -25.64 34.51 -5.55
CA GLU A 59 -24.28 35.04 -5.33
C GLU A 59 -23.35 33.85 -5.04
N ILE A 60 -22.25 33.76 -5.78
CA ILE A 60 -21.26 32.65 -5.67
C ILE A 60 -20.30 32.95 -4.51
N ALA A 61 -20.36 32.14 -3.44
CA ALA A 61 -19.52 32.28 -2.24
C ALA A 61 -18.38 31.26 -2.27
N TRP A 62 -18.55 30.13 -2.96
CA TRP A 62 -17.61 28.98 -2.94
C TRP A 62 -17.20 28.58 -4.36
N TYR A 63 -15.93 28.22 -4.52
CA TYR A 63 -15.43 27.40 -5.65
C TYR A 63 -15.49 25.93 -5.22
N THR A 64 -16.12 25.09 -6.03
CA THR A 64 -16.21 23.63 -5.78
CA THR A 64 -16.20 23.62 -5.79
C THR A 64 -15.92 22.89 -7.09
N GLU A 65 -15.29 21.72 -6.99
CA GLU A 65 -15.07 20.78 -8.12
C GLU A 65 -16.03 19.60 -7.93
N ARG A 66 -16.95 19.42 -8.88
CA ARG A 66 -18.02 18.39 -8.86
C ARG A 66 -17.87 17.47 -10.07
N SER A 67 -18.74 16.46 -10.17
CA SER A 67 -18.88 15.54 -11.33
C SER A 67 -19.62 16.26 -12.46
N GLU A 68 -19.78 15.59 -13.61
CA GLU A 68 -20.48 16.14 -14.80
C GLU A 68 -21.96 15.74 -14.78
N LYS A 69 -22.40 15.01 -13.76
CA LYS A 69 -23.82 14.58 -13.59
C LYS A 69 -24.74 15.80 -13.72
N SER A 70 -25.93 15.60 -14.29
CA SER A 70 -26.99 16.64 -14.45
C SER A 70 -27.22 17.33 -13.10
N TYR A 71 -27.32 18.66 -13.12
CA TYR A 71 -27.59 19.54 -11.95
C TYR A 71 -28.57 18.87 -10.98
N GLU A 72 -29.69 18.36 -11.50
CA GLU A 72 -30.80 17.73 -10.73
C GLU A 72 -30.30 16.54 -9.89
N LEU A 73 -29.20 15.90 -10.31
CA LEU A 73 -28.66 14.68 -9.67
C LEU A 73 -27.53 15.02 -8.70
N GLN A 74 -26.96 16.23 -8.78
CA GLN A 74 -25.82 16.69 -7.93
C GLN A 74 -26.19 16.54 -6.45
N THR A 75 -25.20 16.13 -5.64
CA THR A 75 -25.32 15.96 -4.16
C THR A 75 -24.02 16.43 -3.52
N PRO A 76 -23.96 16.55 -2.17
CA PRO A 76 -22.68 16.72 -1.48
C PRO A 76 -21.67 15.64 -1.84
N PHE A 77 -22.14 14.44 -2.18
CA PHE A 77 -21.31 13.25 -2.51
C PHE A 77 -20.57 13.46 -3.84
N GLU A 78 -21.00 14.44 -4.63
CA GLU A 78 -20.42 14.77 -5.96
C GLU A 78 -19.31 15.80 -5.82
N ILE A 79 -19.18 16.45 -4.65
CA ILE A 79 -18.12 17.46 -4.36
C ILE A 79 -16.81 16.72 -4.10
N LYS A 80 -15.70 17.22 -4.63
CA LYS A 80 -14.33 16.65 -4.48
C LYS A 80 -13.41 17.64 -3.75
N LEU A 81 -13.68 18.95 -3.87
CA LEU A 81 -12.86 20.04 -3.31
C LEU A 81 -13.76 21.24 -3.02
N ALA A 82 -13.49 21.98 -1.95
CA ALA A 82 -14.25 23.19 -1.55
C ALA A 82 -13.29 24.26 -1.04
N LYS A 83 -13.45 25.49 -1.53
CA LYS A 83 -12.72 26.70 -1.09
C LYS A 83 -13.61 27.92 -1.29
N LYS A 84 -13.19 29.08 -0.77
CA LYS A 84 -13.86 30.38 -1.01
C LYS A 84 -13.69 30.73 -2.50
N PHE A 85 -14.73 31.25 -3.14
CA PHE A 85 -14.68 31.74 -4.54
C PHE A 85 -13.69 32.91 -4.57
N ASP A 86 -12.72 32.87 -5.50
CA ASP A 86 -11.58 33.83 -5.54
C ASP A 86 -12.09 35.28 -5.54
N THR A 87 -13.25 35.56 -6.15
CA THR A 87 -13.75 36.92 -6.42
C THR A 87 -14.88 37.31 -5.45
N PHE A 88 -15.22 36.44 -4.48
CA PHE A 88 -16.21 36.73 -3.41
C PHE A 88 -15.48 37.44 -2.25
N ASN A 89 -15.95 38.63 -1.88
CA ASN A 89 -15.37 39.47 -0.79
C ASN A 89 -16.22 39.29 0.48
N GLY A 90 -15.56 39.15 1.63
CA GLY A 90 -16.21 39.00 2.95
C GLY A 90 -16.28 37.55 3.39
N GLU A 91 -16.81 37.32 4.60
CA GLU A 91 -16.97 35.97 5.20
C GLU A 91 -18.02 35.19 4.42
N CYS A 92 -17.71 33.93 4.08
CA CYS A 92 -18.66 32.98 3.45
C CYS A 92 -19.76 32.63 4.46
N PRO A 93 -21.01 32.41 4.02
CA PRO A 93 -22.03 31.84 4.91
C PRO A 93 -21.61 30.43 5.32
N ASN A 94 -22.44 29.76 6.13
CA ASN A 94 -22.24 28.35 6.52
C ASN A 94 -22.30 27.47 5.26
N PHE A 95 -21.38 26.51 5.16
CA PHE A 95 -21.25 25.53 4.05
C PHE A 95 -21.08 24.13 4.62
N VAL A 96 -21.55 23.13 3.87
CA VAL A 96 -21.57 21.69 4.26
C VAL A 96 -20.13 21.20 4.55
N PHE A 97 -19.12 21.79 3.93
CA PHE A 97 -17.69 21.39 4.08
C PHE A 97 -16.84 22.58 4.47
N PRO A 98 -15.71 22.36 5.18
CA PRO A 98 -14.77 23.43 5.49
C PRO A 98 -14.02 23.91 4.24
N LEU A 99 -13.57 25.17 4.25
CA LEU A 99 -12.83 25.80 3.12
C LEU A 99 -11.42 25.19 3.05
N ASN A 100 -10.87 25.10 1.84
CA ASN A 100 -9.52 24.52 1.56
C ASN A 100 -9.53 23.05 2.01
N SER A 101 -10.55 22.29 1.61
CA SER A 101 -10.76 20.87 1.98
C SER A 101 -10.83 19.99 0.72
N ILE A 102 -10.46 18.72 0.87
CA ILE A 102 -10.67 17.63 -0.12
C ILE A 102 -11.72 16.68 0.46
N ILE A 103 -12.66 16.24 -0.38
CA ILE A 103 -13.81 15.37 0.03
C ILE A 103 -13.61 13.98 -0.58
N LYS A 104 -13.81 12.93 0.22
CA LYS A 104 -13.90 11.52 -0.25
C LYS A 104 -15.33 11.05 0.02
N THR A 105 -15.92 10.34 -0.94
CA THR A 105 -17.26 9.70 -0.83
C THR A 105 -17.06 8.19 -0.70
N ILE A 106 -17.80 7.53 0.18
CA ILE A 106 -17.73 6.06 0.39
C ILE A 106 -18.34 5.37 -0.84
N GLN A 107 -17.61 4.40 -1.42
CA GLN A 107 -18.09 3.53 -2.51
C GLN A 107 -18.91 2.39 -1.90
N PRO A 108 -20.10 2.06 -2.45
CA PRO A 108 -20.86 0.90 -1.98
C PRO A 108 -20.12 -0.41 -2.30
N ARG A 109 -19.97 -1.29 -1.31
CA ARG A 109 -19.20 -2.56 -1.43
C ARG A 109 -19.99 -3.57 -2.27
N VAL A 110 -19.27 -4.45 -2.97
CA VAL A 110 -19.82 -5.61 -3.74
C VAL A 110 -19.57 -6.89 -2.94
N GLU A 111 -20.56 -7.79 -2.89
CA GLU A 111 -20.51 -9.04 -2.09
C GLU A 111 -21.32 -10.13 -2.80
N LYS A 112 -20.65 -11.24 -3.18
CA LYS A 112 -21.26 -12.39 -3.91
C LYS A 112 -22.45 -12.92 -3.12
N LYS A 113 -22.19 -13.49 -1.93
CA LYS A 113 -23.23 -13.98 -0.98
C LYS A 113 -23.36 -12.97 0.17
N LYS A 114 -24.38 -12.11 0.13
CA LYS A 114 -24.62 -11.03 1.12
C LYS A 114 -25.09 -11.64 2.46
N LEU A 115 -24.55 -11.14 3.58
CA LEU A 115 -24.88 -11.59 4.95
C LEU A 115 -26.27 -11.12 5.35
N ASP A 116 -26.85 -11.70 6.41
CA ASP A 116 -28.19 -11.35 6.94
C ASP A 116 -28.08 -10.13 7.85
N GLY A 117 -29.21 -9.43 8.06
CA GLY A 117 -29.37 -8.35 9.04
C GLY A 117 -28.32 -7.26 8.87
N PHE A 118 -27.80 -6.76 10.00
CA PHE A 118 -26.87 -5.59 10.09
C PHE A 118 -25.56 -5.90 9.36
N MET A 119 -25.08 -7.15 9.46
CA MET A 119 -23.78 -7.58 8.90
C MET A 119 -23.74 -7.31 7.38
N GLY A 120 -24.81 -7.67 6.66
CA GLY A 120 -24.99 -7.35 5.23
C GLY A 120 -25.00 -5.85 4.98
N ARG A 121 -25.70 -5.10 5.85
CA ARG A 121 -25.88 -3.63 5.74
C ARG A 121 -24.55 -2.92 5.98
N ILE A 122 -23.82 -3.26 7.05
CA ILE A 122 -22.53 -2.58 7.41
C ILE A 122 -21.45 -3.00 6.41
N ARG A 123 -21.50 -4.24 5.90
CA ARG A 123 -20.52 -4.75 4.91
C ARG A 123 -20.77 -4.13 3.53
N SER A 124 -21.90 -3.43 3.36
CA SER A 124 -22.20 -2.60 2.16
C SER A 124 -21.33 -1.32 2.19
N VAL A 125 -20.71 -1.01 3.34
CA VAL A 125 -19.89 0.21 3.57
C VAL A 125 -18.43 -0.17 3.86
N TYR A 126 -18.20 -1.00 4.88
CA TYR A 126 -16.85 -1.34 5.42
C TYR A 126 -16.66 -2.86 5.43
N PRO A 127 -15.44 -3.36 5.13
CA PRO A 127 -15.15 -4.79 5.19
C PRO A 127 -14.77 -5.23 6.62
N VAL A 128 -15.75 -5.30 7.52
CA VAL A 128 -15.55 -5.64 8.96
C VAL A 128 -16.13 -7.04 9.22
N ALA A 129 -15.45 -7.83 10.06
CA ALA A 129 -15.89 -9.18 10.50
C ALA A 129 -17.04 -9.04 11.51
N SER A 130 -17.00 -8.02 12.36
CA SER A 130 -18.02 -7.74 13.41
C SER A 130 -18.26 -6.23 13.54
N PRO A 131 -19.35 -5.81 14.23
CA PRO A 131 -19.56 -4.40 14.53
C PRO A 131 -18.50 -3.79 15.45
N ASN A 132 -17.77 -4.63 16.18
CA ASN A 132 -16.74 -4.24 17.19
C ASN A 132 -15.55 -3.57 16.48
N GLU A 133 -15.34 -3.86 15.19
CA GLU A 133 -14.23 -3.32 14.38
C GLU A 133 -14.50 -1.87 13.97
N CYS A 134 -15.77 -1.46 13.91
CA CYS A 134 -16.19 -0.06 13.64
C CYS A 134 -15.73 0.85 14.79
N ASN A 135 -15.17 2.02 14.46
CA ASN A 135 -14.72 3.04 15.44
C ASN A 135 -15.71 4.19 15.45
N GLN A 136 -16.30 4.49 16.61
CA GLN A 136 -17.30 5.58 16.74
C GLN A 136 -16.52 6.91 16.76
N MET A 137 -16.98 7.88 15.96
CA MET A 137 -16.26 9.17 15.71
C MET A 137 -16.47 10.11 16.91
N CYS A 138 -15.64 11.14 17.01
CA CYS A 138 -15.75 12.21 18.03
C CYS A 138 -16.34 13.48 17.39
N LEU A 139 -17.68 13.62 17.45
CA LEU A 139 -18.42 14.81 16.93
C LEU A 139 -18.49 15.88 18.03
N SER A 140 -17.81 17.01 17.82
CA SER A 140 -17.68 18.12 18.79
C SER A 140 -18.48 19.34 18.30
N THR A 141 -19.32 19.90 19.18
CA THR A 141 -20.10 21.16 18.96
C THR A 141 -19.57 22.24 19.92
N LEU A 142 -19.13 23.37 19.38
CA LEU A 142 -18.75 24.58 20.16
C LEU A 142 -20.03 25.32 20.54
N MET A 143 -20.51 25.10 21.76
CA MET A 143 -21.82 25.63 22.24
C MET A 143 -21.79 25.92 23.73
N LYS A 144 -22.78 26.69 24.19
CA LYS A 144 -22.97 27.07 25.61
C LYS A 144 -23.63 25.88 26.33
N CYS A 145 -23.23 25.65 27.57
CA CYS A 145 -23.74 24.58 28.46
C CYS A 145 -24.96 25.10 29.23
N ASP A 146 -26.05 24.33 29.23
CA ASP A 146 -27.32 24.65 29.95
C ASP A 146 -27.05 24.91 31.45
N HIS A 147 -26.07 24.22 32.03
CA HIS A 147 -25.78 24.29 33.50
C HIS A 147 -24.77 25.40 33.81
N CYS A 148 -23.51 25.26 33.37
CA CYS A 148 -22.38 26.11 33.85
C CYS A 148 -22.26 27.40 33.02
N GLY A 149 -22.89 27.45 31.85
CA GLY A 149 -22.93 28.65 31.00
C GLY A 149 -21.62 28.95 30.32
N GLU A 150 -20.66 28.01 30.36
CA GLU A 150 -19.40 28.07 29.59
C GLU A 150 -19.69 27.62 28.15
N THR A 151 -19.07 28.28 27.17
CA THR A 151 -19.08 27.90 25.74
C THR A 151 -17.78 27.16 25.42
N SER A 152 -17.86 25.86 25.11
CA SER A 152 -16.69 25.00 24.82
C SER A 152 -17.06 23.91 23.81
N TRP A 153 -16.03 23.27 23.24
CA TRP A 153 -16.15 22.06 22.39
C TRP A 153 -16.73 20.92 23.24
N GLN A 154 -18.03 20.67 23.09
CA GLN A 154 -18.74 19.54 23.74
C GLN A 154 -18.74 18.36 22.76
N THR A 155 -18.35 17.18 23.25
CA THR A 155 -18.16 15.95 22.43
CA THR A 155 -18.15 15.94 22.45
C THR A 155 -19.36 15.02 22.62
N GLY A 156 -19.74 14.32 21.55
CA GLY A 156 -20.86 13.38 21.52
C GLY A 156 -21.19 12.96 20.09
N ASP A 157 -22.40 13.28 19.62
CA ASP A 157 -22.95 12.87 18.30
C ASP A 157 -23.73 14.05 17.70
N PHE A 158 -24.66 13.78 16.76
CA PHE A 158 -25.47 14.81 16.04
C PHE A 158 -26.47 15.47 16.99
N VAL A 159 -26.95 14.74 18.00
CA VAL A 159 -28.17 15.08 18.80
C VAL A 159 -27.76 15.60 20.18
N LYS A 160 -26.77 14.99 20.83
CA LYS A 160 -26.33 15.35 22.21
C LYS A 160 -24.80 15.37 22.30
N ALA A 161 -24.28 16.17 23.25
CA ALA A 161 -22.85 16.25 23.60
C ALA A 161 -22.70 16.57 25.09
N THR A 162 -21.51 16.33 25.65
CA THR A 162 -21.19 16.51 27.09
C THR A 162 -20.26 17.70 27.26
N CYS A 163 -20.56 18.57 28.23
CA CYS A 163 -19.71 19.70 28.67
C CYS A 163 -18.51 19.12 29.43
N GLU A 164 -17.28 19.50 29.04
CA GLU A 164 -16.02 19.07 29.69
C GLU A 164 -15.92 19.69 31.08
N PHE A 165 -16.46 20.90 31.26
CA PHE A 165 -16.36 21.68 32.52
C PHE A 165 -17.17 21.00 33.64
N CYS A 166 -18.47 20.80 33.44
CA CYS A 166 -19.43 20.42 34.51
C CYS A 166 -20.04 19.03 34.27
N GLY A 167 -19.84 18.45 33.09
CA GLY A 167 -20.29 17.08 32.77
C GLY A 167 -21.77 17.00 32.42
N THR A 168 -22.44 18.14 32.24
CA THR A 168 -23.87 18.19 31.87
C THR A 168 -24.04 17.82 30.40
N GLU A 169 -25.08 17.05 30.10
CA GLU A 169 -25.47 16.62 28.73
C GLU A 169 -26.32 17.72 28.11
N ASN A 170 -25.96 18.16 26.89
CA ASN A 170 -26.62 19.27 26.17
C ASN A 170 -27.03 18.82 24.76
N LEU A 171 -28.28 19.09 24.37
CA LEU A 171 -28.73 18.93 22.96
C LEU A 171 -27.81 19.78 22.09
N THR A 172 -27.44 19.28 20.91
CA THR A 172 -26.60 20.01 19.93
C THR A 172 -27.31 21.31 19.54
N LYS A 173 -26.64 22.45 19.75
CA LYS A 173 -27.14 23.80 19.39
C LYS A 173 -26.52 24.20 18.04
N GLU A 174 -27.13 25.16 17.36
CA GLU A 174 -26.52 25.85 16.18
C GLU A 174 -25.17 26.42 16.63
N GLY A 175 -24.14 26.25 15.80
CA GLY A 175 -22.77 26.73 16.07
C GLY A 175 -21.73 25.86 15.39
N ALA A 176 -20.46 26.22 15.52
CA ALA A 176 -19.30 25.51 14.91
C ALA A 176 -19.32 24.04 15.34
N THR A 177 -19.14 23.13 14.38
CA THR A 177 -19.08 21.66 14.61
C THR A 177 -17.82 21.10 13.94
N THR A 178 -17.37 19.94 14.39
CA THR A 178 -16.25 19.16 13.80
C THR A 178 -16.47 17.68 14.13
N CYS A 179 -16.04 16.80 13.22
CA CYS A 179 -16.03 15.32 13.40
C CYS A 179 -14.62 14.86 13.77
N GLY A 180 -13.71 15.81 14.01
CA GLY A 180 -12.32 15.56 14.43
C GLY A 180 -11.57 14.72 13.42
N TYR A 181 -10.58 13.96 13.89
CA TYR A 181 -9.77 13.01 13.07
C TYR A 181 -10.64 11.81 12.68
N LEU A 182 -10.82 11.57 11.37
CA LEU A 182 -11.62 10.44 10.81
C LEU A 182 -10.88 9.13 11.10
N PRO A 183 -11.43 8.21 11.92
CA PRO A 183 -10.81 6.90 12.14
C PRO A 183 -11.17 5.91 11.02
N GLN A 184 -10.55 4.73 11.05
CA GLN A 184 -10.89 3.59 10.15
C GLN A 184 -12.29 3.08 10.53
N ASN A 185 -13.09 2.66 9.55
CA ASN A 185 -14.46 2.13 9.74
C ASN A 185 -15.26 3.12 10.61
N ALA A 186 -15.13 4.41 10.32
CA ALA A 186 -15.73 5.53 11.09
C ALA A 186 -17.26 5.38 11.10
N VAL A 187 -17.86 5.36 12.30
CA VAL A 187 -19.35 5.27 12.47
C VAL A 187 -19.80 6.32 13.49
N VAL A 188 -21.05 6.74 13.42
CA VAL A 188 -21.77 7.42 14.52
C VAL A 188 -22.87 6.48 14.97
N LYS A 189 -22.83 6.10 16.25
CA LYS A 189 -23.73 5.11 16.91
C LYS A 189 -24.59 5.88 17.91
N ILE A 190 -25.91 5.92 17.71
CA ILE A 190 -26.87 6.69 18.55
C ILE A 190 -28.05 5.80 18.93
N TYR A 191 -28.63 6.07 20.11
CA TYR A 191 -29.91 5.50 20.60
C TYR A 191 -30.93 5.54 19.45
N CYS A 192 -31.66 4.45 19.23
CA CYS A 192 -32.72 4.32 18.20
C CYS A 192 -34.09 4.24 18.87
N PRO A 193 -34.93 5.29 18.74
CA PRO A 193 -36.30 5.24 19.27
C PRO A 193 -37.14 4.07 18.73
N ALA A 194 -37.02 3.76 17.43
CA ALA A 194 -37.82 2.73 16.72
C ALA A 194 -37.52 1.34 17.28
N CYS A 195 -36.25 1.07 17.61
CA CYS A 195 -35.80 -0.23 18.19
C CYS A 195 -36.33 -0.36 19.62
N HIS A 196 -36.07 0.63 20.47
CA HIS A 196 -36.38 0.64 21.93
C HIS A 196 -37.89 0.62 22.17
N ASN A 197 -38.67 1.45 21.47
CA ASN A 197 -40.13 1.60 21.69
C ASN A 197 -40.82 0.28 21.31
N SER A 198 -41.82 -0.14 22.10
CA SER A 198 -42.50 -1.46 22.03
C SER A 198 -43.54 -1.48 20.91
N GLU A 199 -43.89 -0.32 20.35
CA GLU A 199 -44.90 -0.16 19.26
C GLU A 199 -44.28 -0.59 17.92
N VAL A 200 -43.02 -0.19 17.65
CA VAL A 200 -42.28 -0.48 16.39
C VAL A 200 -41.60 -1.85 16.52
N GLY A 201 -40.34 -1.87 16.98
CA GLY A 201 -39.53 -3.08 17.21
C GLY A 201 -38.24 -3.07 16.40
N PRO A 202 -37.24 -3.91 16.76
CA PRO A 202 -35.91 -3.85 16.13
C PRO A 202 -35.82 -4.45 14.72
N GLU A 203 -36.92 -5.02 14.20
CA GLU A 203 -37.04 -5.48 12.79
C GLU A 203 -37.73 -4.41 11.95
N HIS A 204 -37.71 -3.14 12.42
CA HIS A 204 -38.35 -1.98 11.74
C HIS A 204 -37.71 -1.76 10.37
N SER A 205 -38.42 -1.07 9.48
CA SER A 205 -37.96 -0.72 8.11
C SER A 205 -36.97 0.44 8.18
N LEU A 206 -36.26 0.71 7.08
CA LEU A 206 -35.39 1.91 6.92
C LEU A 206 -36.25 3.16 7.10
N ALA A 207 -37.42 3.20 6.44
CA ALA A 207 -38.40 4.30 6.50
C ALA A 207 -38.83 4.54 7.96
N GLU A 208 -39.18 3.45 8.66
CA GLU A 208 -39.66 3.49 10.06
C GLU A 208 -38.61 4.12 10.98
N TYR A 209 -37.32 3.82 10.77
CA TYR A 209 -36.21 4.41 11.56
C TYR A 209 -36.30 5.94 11.49
N HIS A 210 -36.29 6.48 10.26
CA HIS A 210 -36.30 7.94 9.96
C HIS A 210 -37.59 8.58 10.49
N ASN A 211 -38.70 7.86 10.39
CA ASN A 211 -40.03 8.32 10.90
C ASN A 211 -39.93 8.56 12.41
N GLU A 212 -39.27 7.65 13.15
CA GLU A 212 -39.26 7.62 14.64
C GLU A 212 -37.96 8.26 15.20
N SER A 213 -36.94 8.49 14.37
CA SER A 213 -35.59 8.97 14.80
C SER A 213 -35.72 10.32 15.53
N GLY A 214 -36.64 11.18 15.09
CA GLY A 214 -36.79 12.56 15.59
C GLY A 214 -35.76 13.49 14.96
N LEU A 215 -34.98 13.00 14.00
CA LEU A 215 -33.93 13.76 13.28
C LEU A 215 -34.56 14.36 12.01
N LYS A 216 -34.13 15.56 11.61
CA LYS A 216 -34.62 16.26 10.39
C LYS A 216 -33.82 15.74 9.18
N THR A 217 -34.49 14.98 8.31
CA THR A 217 -33.97 14.54 6.98
C THR A 217 -35.03 14.81 5.91
N ILE A 218 -34.61 14.85 4.64
CA ILE A 218 -35.51 14.93 3.46
C ILE A 218 -35.12 13.79 2.50
N LEU A 219 -36.09 12.98 2.08
CA LEU A 219 -35.88 11.89 1.09
C LEU A 219 -35.57 12.53 -0.27
N ARG A 220 -34.30 12.46 -0.69
CA ARG A 220 -33.75 13.17 -1.87
C ARG A 220 -32.80 12.21 -2.60
N LYS A 221 -32.44 12.51 -3.85
CA LYS A 221 -31.42 11.74 -4.62
C LYS A 221 -30.13 11.70 -3.80
N GLY A 222 -29.55 10.50 -3.65
CA GLY A 222 -28.42 10.23 -2.74
C GLY A 222 -28.90 9.70 -1.38
N GLY A 223 -30.22 9.67 -1.17
CA GLY A 223 -30.85 9.15 0.06
C GLY A 223 -30.92 10.19 1.16
N ARG A 224 -31.59 9.86 2.27
CA ARG A 224 -31.73 10.76 3.46
C ARG A 224 -30.33 10.99 4.04
N THR A 225 -30.07 12.21 4.50
CA THR A 225 -28.70 12.71 4.80
C THR A 225 -28.75 13.64 6.01
N ILE A 226 -27.70 13.60 6.84
CA ILE A 226 -27.47 14.56 7.96
C ILE A 226 -26.06 15.11 7.85
N ALA A 227 -25.92 16.43 7.78
CA ALA A 227 -24.64 17.16 7.65
C ALA A 227 -24.19 17.64 9.04
N PHE A 228 -22.95 17.32 9.42
CA PHE A 228 -22.35 17.70 10.72
C PHE A 228 -20.83 17.70 10.59
N GLY A 229 -20.18 18.76 11.09
CA GLY A 229 -18.74 18.83 11.38
C GLY A 229 -17.84 18.57 10.17
N GLY A 230 -18.33 18.82 8.96
CA GLY A 230 -17.55 18.65 7.71
C GLY A 230 -17.71 17.26 7.12
N CYS A 231 -18.69 16.49 7.59
CA CYS A 231 -19.13 15.21 6.97
C CYS A 231 -20.61 15.29 6.58
N VAL A 232 -21.02 14.39 5.69
CA VAL A 232 -22.45 14.13 5.34
C VAL A 232 -22.73 12.66 5.66
N PHE A 233 -23.67 12.41 6.56
CA PHE A 233 -23.94 11.07 7.14
C PHE A 233 -25.15 10.44 6.43
N SER A 234 -25.06 9.14 6.16
CA SER A 234 -26.16 8.26 5.69
C SER A 234 -26.38 7.16 6.72
N TYR A 235 -27.61 6.64 6.80
CA TYR A 235 -28.05 5.61 7.77
C TYR A 235 -27.81 4.22 7.16
N VAL A 236 -27.03 3.38 7.85
CA VAL A 236 -26.66 2.00 7.40
C VAL A 236 -27.72 1.01 7.91
N GLY A 237 -28.02 1.06 9.21
CA GLY A 237 -28.97 0.15 9.86
C GLY A 237 -28.81 0.16 11.37
N CYS A 238 -29.57 -0.69 12.06
CA CYS A 238 -29.54 -0.84 13.54
C CYS A 238 -28.86 -2.15 13.93
N HIS A 239 -27.99 -2.09 14.95
CA HIS A 239 -27.41 -3.26 15.67
C HIS A 239 -27.57 -3.04 17.17
N ASN A 240 -28.18 -4.00 17.87
CA ASN A 240 -28.41 -3.97 19.34
C ASN A 240 -29.12 -2.67 19.72
N LYS A 241 -30.17 -2.33 18.97
CA LYS A 241 -31.09 -1.20 19.23
C LYS A 241 -30.33 0.14 19.17
N CYS A 242 -29.21 0.18 18.45
CA CYS A 242 -28.40 1.41 18.19
C CYS A 242 -28.34 1.66 16.67
N ALA A 243 -28.67 2.88 16.24
CA ALA A 243 -28.62 3.31 14.82
C ALA A 243 -27.17 3.64 14.45
N TYR A 244 -26.68 3.08 13.34
CA TYR A 244 -25.32 3.32 12.80
C TYR A 244 -25.43 4.23 11.59
N TRP A 245 -24.83 5.43 11.67
CA TRP A 245 -24.62 6.37 10.54
C TRP A 245 -23.13 6.35 10.17
N VAL A 246 -22.81 6.52 8.89
CA VAL A 246 -21.41 6.57 8.38
C VAL A 246 -21.22 7.89 7.64
N PRO A 247 -20.01 8.49 7.68
CA PRO A 247 -19.72 9.69 6.91
C PRO A 247 -19.56 9.33 5.42
N ARG A 248 -20.69 9.14 4.72
CA ARG A 248 -20.75 8.79 3.28
C ARG A 248 -19.87 9.78 2.50
N ALA A 249 -19.87 11.05 2.90
CA ALA A 249 -18.87 12.08 2.51
C ALA A 249 -18.14 12.57 3.75
N SER A 250 -16.81 12.73 3.66
CA SER A 250 -15.96 13.32 4.73
C SER A 250 -14.97 14.31 4.11
N ALA A 251 -14.81 15.47 4.75
CA ALA A 251 -13.83 16.51 4.37
C ALA A 251 -12.47 16.17 4.98
N ASN A 252 -11.39 16.71 4.42
CA ASN A 252 -10.00 16.61 4.93
C ASN A 252 -9.30 17.95 4.69
N ILE A 253 -9.01 18.69 5.76
CA ILE A 253 -8.29 20.00 5.72
C ILE A 253 -6.80 19.75 5.94
N GLY A 254 -6.41 18.50 6.25
CA GLY A 254 -5.03 18.09 6.56
C GLY A 254 -5.01 17.10 7.71
N CYS A 255 -4.08 16.14 7.65
CA CYS A 255 -3.85 15.09 8.70
C CYS A 255 -5.11 14.27 8.95
N ASN A 256 -6.03 14.23 7.97
CA ASN A 256 -7.28 13.43 8.02
C ASN A 256 -8.29 14.07 8.99
N HIS A 257 -8.11 15.36 9.31
CA HIS A 257 -9.05 16.16 10.15
C HIS A 257 -10.22 16.63 9.28
N THR A 258 -11.46 16.41 9.72
CA THR A 258 -12.70 16.76 8.97
C THR A 258 -12.96 18.27 9.02
N GLY A 259 -12.17 19.04 9.77
CA GLY A 259 -12.23 20.51 9.84
C GLY A 259 -13.50 21.00 10.54
N VAL A 260 -13.69 22.33 10.56
CA VAL A 260 -14.80 23.01 11.28
C VAL A 260 -15.73 23.65 10.24
N VAL A 261 -17.05 23.53 10.46
CA VAL A 261 -18.14 24.19 9.67
C VAL A 261 -19.06 24.92 10.65
N GLY A 262 -19.68 26.02 10.20
CA GLY A 262 -20.62 26.83 11.01
C GLY A 262 -20.01 28.17 11.44
N GLU A 263 -20.67 28.85 12.37
CA GLU A 263 -20.32 30.22 12.85
C GLU A 263 -18.86 30.25 13.31
N GLY A 264 -18.03 31.09 12.65
CA GLY A 264 -16.64 31.37 13.05
C GLY A 264 -15.65 30.34 12.52
N SER A 265 -16.09 29.41 11.67
CA SER A 265 -15.33 28.21 11.22
C SER A 265 -14.06 28.61 10.45
N GLU A 266 -14.07 29.76 9.76
CA GLU A 266 -12.91 30.24 8.97
C GLU A 266 -11.73 30.55 9.91
N GLY A 267 -12.00 31.29 10.99
CA GLY A 267 -11.00 31.60 12.03
C GLY A 267 -10.48 30.34 12.69
N LEU A 268 -11.40 29.43 13.05
CA LEU A 268 -11.09 28.18 13.79
C LEU A 268 -10.22 27.25 12.91
N ASN A 269 -10.53 27.15 11.61
CA ASN A 269 -9.77 26.31 10.64
C ASN A 269 -8.37 26.89 10.44
N ASP A 270 -8.24 28.21 10.34
CA ASP A 270 -6.94 28.92 10.17
C ASP A 270 -6.04 28.60 11.37
N ASN A 271 -6.59 28.71 12.58
CA ASN A 271 -5.90 28.40 13.87
C ASN A 271 -5.53 26.91 13.89
N LEU A 272 -6.42 26.04 13.42
CA LEU A 272 -6.24 24.56 13.42
C LEU A 272 -5.12 24.18 12.45
N LEU A 273 -5.09 24.78 11.26
CA LEU A 273 -4.08 24.54 10.20
C LEU A 273 -2.67 24.77 10.75
N GLU A 274 -2.47 25.79 11.59
CA GLU A 274 -1.14 26.18 12.14
C GLU A 274 -0.66 25.12 13.15
N ILE A 275 -1.58 24.42 13.80
CA ILE A 275 -1.29 23.27 14.72
C ILE A 275 -0.89 22.05 13.88
N LEU A 276 -1.67 21.75 12.83
CA LEU A 276 -1.54 20.52 12.00
C LEU A 276 -0.25 20.55 11.16
N GLN A 277 0.34 21.73 10.94
CA GLN A 277 1.64 21.86 10.22
C GLN A 277 2.73 21.11 11.01
N LYS A 278 2.67 21.22 12.34
CA LYS A 278 3.74 20.78 13.29
C LYS A 278 3.76 19.25 13.34
N TYR B 4 41.80 -16.13 -10.62
CA TYR B 4 41.87 -14.70 -11.07
C TYR B 4 40.45 -14.18 -11.37
N THR B 5 40.05 -13.13 -10.66
CA THR B 5 38.76 -12.41 -10.82
C THR B 5 39.06 -10.99 -11.32
N ARG B 6 38.82 -10.70 -12.60
CA ARG B 6 39.09 -9.36 -13.19
C ARG B 6 38.13 -8.33 -12.59
N TYR B 7 36.82 -8.57 -12.72
CA TYR B 7 35.76 -7.59 -12.40
C TYR B 7 35.45 -7.63 -10.90
N VAL B 8 35.41 -6.43 -10.31
CA VAL B 8 35.14 -6.21 -8.86
C VAL B 8 34.18 -5.02 -8.73
N ASP B 9 33.61 -4.83 -7.55
CA ASP B 9 32.91 -3.58 -7.17
C ASP B 9 34.00 -2.61 -6.68
N ASN B 10 33.62 -1.38 -6.34
CA ASN B 10 34.56 -0.32 -5.89
C ASN B 10 35.12 -0.69 -4.51
N ASN B 11 34.55 -1.69 -3.84
CA ASN B 11 35.03 -2.24 -2.55
C ASN B 11 35.96 -3.44 -2.81
N PHE B 12 36.32 -3.69 -4.07
CA PHE B 12 37.29 -4.73 -4.52
C PHE B 12 36.78 -6.14 -4.19
N CYS B 13 35.47 -6.31 -4.04
CA CYS B 13 34.82 -7.64 -3.88
C CYS B 13 34.36 -8.14 -5.24
N GLY B 14 34.25 -9.47 -5.38
CA GLY B 14 34.02 -10.15 -6.67
C GLY B 14 32.57 -10.06 -7.15
N PRO B 15 32.27 -10.61 -8.34
CA PRO B 15 30.93 -10.62 -8.91
C PRO B 15 29.92 -11.48 -8.13
N ASP B 16 30.42 -12.38 -7.26
CA ASP B 16 29.57 -13.23 -6.38
C ASP B 16 29.34 -12.51 -5.05
N GLY B 17 29.94 -11.33 -4.85
CA GLY B 17 29.84 -10.53 -3.61
C GLY B 17 30.77 -11.03 -2.52
N TYR B 18 31.73 -11.90 -2.85
CA TYR B 18 32.71 -12.45 -1.88
C TYR B 18 34.08 -11.82 -2.14
N PRO B 19 35.00 -11.86 -1.14
CA PRO B 19 36.32 -11.26 -1.29
C PRO B 19 37.19 -12.05 -2.27
N LEU B 20 38.15 -11.39 -2.91
CA LEU B 20 39.22 -12.01 -3.74
C LEU B 20 40.35 -12.44 -2.81
N GLU B 21 40.93 -13.62 -3.06
CA GLU B 21 42.07 -14.12 -2.24
C GLU B 21 43.26 -13.17 -2.41
N CYS B 22 43.50 -12.66 -3.64
CA CYS B 22 44.66 -11.78 -3.94
C CYS B 22 44.59 -10.52 -3.08
N ILE B 23 43.41 -9.89 -3.01
CA ILE B 23 43.19 -8.65 -2.21
C ILE B 23 43.28 -9.00 -0.71
N LYS B 24 42.68 -10.12 -0.29
CA LYS B 24 42.75 -10.62 1.11
C LYS B 24 44.21 -10.68 1.56
N ASP B 25 45.05 -11.38 0.78
CA ASP B 25 46.47 -11.65 1.10
C ASP B 25 47.27 -10.34 1.09
N LEU B 26 46.93 -9.40 0.19
CA LEU B 26 47.61 -8.08 0.07
C LEU B 26 47.40 -7.31 1.37
N LEU B 27 46.14 -7.23 1.83
CA LEU B 27 45.77 -6.53 3.08
C LEU B 27 46.42 -7.23 4.27
N ALA B 28 46.42 -8.56 4.28
CA ALA B 28 47.02 -9.41 5.34
C ALA B 28 48.51 -9.08 5.50
N ARG B 29 49.28 -9.16 4.41
CA ARG B 29 50.74 -8.84 4.37
C ARG B 29 51.00 -7.44 4.93
N ALA B 30 50.12 -6.48 4.64
CA ALA B 30 50.27 -5.04 4.94
C ALA B 30 49.91 -4.75 6.41
N GLY B 31 49.36 -5.73 7.13
CA GLY B 31 48.91 -5.56 8.53
C GLY B 31 47.54 -4.93 8.61
N LYS B 32 46.73 -5.04 7.56
CA LYS B 32 45.43 -4.32 7.38
C LYS B 32 44.24 -5.28 7.44
N ALA B 33 44.47 -6.58 7.72
CA ALA B 33 43.46 -7.66 7.69
C ALA B 33 42.27 -7.35 8.61
N SER B 34 42.50 -6.67 9.74
CA SER B 34 41.50 -6.44 10.82
C SER B 34 41.01 -4.99 10.82
N CYS B 35 41.45 -4.17 9.87
CA CYS B 35 41.03 -2.75 9.73
C CYS B 35 39.61 -2.68 9.17
N THR B 36 38.98 -1.51 9.28
CA THR B 36 37.66 -1.22 8.67
C THR B 36 37.80 -1.26 7.15
N LEU B 37 36.72 -1.58 6.44
CA LEU B 37 36.72 -1.63 4.95
C LEU B 37 37.21 -0.30 4.39
N SER B 38 36.77 0.83 4.96
CA SER B 38 37.14 2.21 4.52
C SER B 38 38.66 2.39 4.60
N GLU B 39 39.27 2.00 5.72
CA GLU B 39 40.74 2.08 5.94
C GLU B 39 41.45 1.19 4.92
N GLN B 40 40.90 0.00 4.66
CA GLN B 40 41.48 -1.01 3.74
C GLN B 40 41.45 -0.47 2.30
N LEU B 41 40.39 0.24 1.90
CA LEU B 41 40.24 0.76 0.51
C LEU B 41 41.13 1.99 0.31
N ASP B 42 41.24 2.85 1.32
CA ASP B 42 42.23 3.96 1.37
C ASP B 42 43.62 3.36 1.09
N PHE B 43 43.96 2.22 1.72
CA PHE B 43 45.28 1.55 1.55
C PHE B 43 45.40 1.00 0.12
N ILE B 44 44.39 0.27 -0.36
CA ILE B 44 44.35 -0.31 -1.73
C ILE B 44 44.61 0.82 -2.74
N ASP B 45 44.04 2.01 -2.52
CA ASP B 45 44.22 3.18 -3.42
C ASP B 45 45.71 3.57 -3.47
N THR B 46 46.40 3.58 -2.32
CA THR B 46 47.85 3.89 -2.24
C THR B 46 48.63 2.84 -3.02
N LYS B 47 48.13 1.59 -3.08
CA LYS B 47 48.76 0.46 -3.81
C LYS B 47 48.29 0.44 -5.26
N ARG B 48 47.67 1.52 -5.75
CA ARG B 48 47.36 1.81 -7.18
C ARG B 48 46.03 1.18 -7.60
N GLY B 49 45.07 1.02 -6.67
CA GLY B 49 43.69 0.61 -6.98
C GLY B 49 43.65 -0.67 -7.81
N VAL B 50 43.04 -0.64 -9.00
CA VAL B 50 42.83 -1.86 -9.85
C VAL B 50 44.17 -2.38 -10.38
N TYR B 51 45.28 -1.67 -10.15
CA TYR B 51 46.66 -2.12 -10.50
C TYR B 51 47.42 -2.60 -9.26
N CYS B 52 46.71 -2.92 -8.16
CA CYS B 52 47.33 -3.24 -6.85
C CYS B 52 48.04 -4.60 -6.89
N CYS B 53 47.66 -5.49 -7.83
CA CYS B 53 48.26 -6.83 -8.00
C CYS B 53 49.26 -6.81 -9.17
N ARG B 54 50.46 -7.36 -8.95
CA ARG B 54 51.59 -7.31 -9.91
C ARG B 54 51.25 -8.14 -11.16
N GLU B 55 50.63 -9.31 -10.98
CA GLU B 55 50.52 -10.37 -12.02
C GLU B 55 49.25 -10.22 -12.87
N HIS B 56 48.32 -9.33 -12.52
CA HIS B 56 47.02 -9.19 -13.22
C HIS B 56 46.37 -7.82 -12.95
N GLU B 57 45.43 -7.44 -13.82
CA GLU B 57 44.65 -6.18 -13.68
C GLU B 57 43.26 -6.52 -13.15
N HIS B 58 42.68 -5.59 -12.39
CA HIS B 58 41.26 -5.62 -11.98
C HIS B 58 40.54 -4.53 -12.77
N GLU B 59 39.20 -4.53 -12.72
CA GLU B 59 38.36 -3.49 -13.36
C GLU B 59 37.08 -3.35 -12.54
N ILE B 60 36.78 -2.13 -12.09
CA ILE B 60 35.56 -1.84 -11.28
C ILE B 60 34.37 -1.74 -12.25
N ALA B 61 33.41 -2.66 -12.14
CA ALA B 61 32.18 -2.70 -12.95
C ALA B 61 30.98 -2.18 -12.14
N TRP B 62 31.03 -2.28 -10.81
CA TRP B 62 29.88 -1.95 -9.93
C TRP B 62 30.29 -0.96 -8.83
N TYR B 63 29.39 -0.04 -8.53
CA TYR B 63 29.35 0.72 -7.25
C TYR B 63 28.49 -0.05 -6.25
N THR B 64 29.06 -0.41 -5.10
CA THR B 64 28.30 -0.97 -3.96
C THR B 64 28.56 -0.12 -2.72
N GLU B 65 27.58 -0.09 -1.82
CA GLU B 65 27.77 0.32 -0.41
C GLU B 65 27.70 -0.94 0.45
N ARG B 66 28.72 -1.16 1.28
CA ARG B 66 28.88 -2.36 2.14
C ARG B 66 29.04 -1.91 3.59
N SER B 67 28.85 -2.81 4.55
CA SER B 67 29.23 -2.64 5.97
C SER B 67 30.72 -2.28 6.05
N GLU B 68 31.19 -1.87 7.23
CA GLU B 68 32.60 -1.49 7.48
C GLU B 68 33.39 -2.72 7.92
N LYS B 69 32.78 -3.91 7.91
CA LYS B 69 33.45 -5.18 8.29
C LYS B 69 34.71 -5.36 7.44
N SER B 70 35.75 -5.92 8.04
CA SER B 70 37.07 -6.17 7.39
C SER B 70 36.84 -6.96 6.11
N TYR B 71 37.60 -6.61 5.07
CA TYR B 71 37.50 -7.14 3.69
C TYR B 71 37.27 -8.67 3.69
N GLU B 72 38.03 -9.43 4.47
CA GLU B 72 37.98 -10.92 4.41
C GLU B 72 36.69 -11.44 5.06
N LEU B 73 35.94 -10.59 5.76
CA LEU B 73 34.62 -10.94 6.36
C LEU B 73 33.47 -10.48 5.46
N GLN B 74 33.76 -9.83 4.32
CA GLN B 74 32.72 -9.37 3.36
C GLN B 74 32.07 -10.57 2.66
N THR B 75 30.77 -10.47 2.45
CA THR B 75 29.89 -11.47 1.78
C THR B 75 28.80 -10.70 1.05
N PRO B 76 27.94 -11.36 0.24
CA PRO B 76 26.79 -10.70 -0.35
C PRO B 76 25.87 -10.07 0.72
N PHE B 77 25.84 -10.66 1.92
CA PHE B 77 24.98 -10.25 3.06
C PHE B 77 25.42 -8.89 3.60
N GLU B 78 26.63 -8.45 3.26
CA GLU B 78 27.20 -7.14 3.69
C GLU B 78 26.97 -6.05 2.63
N ILE B 79 26.43 -6.40 1.45
CA ILE B 79 26.05 -5.39 0.41
C ILE B 79 24.72 -4.75 0.81
N LYS B 80 24.65 -3.42 0.76
CA LYS B 80 23.43 -2.63 1.07
C LYS B 80 22.80 -2.12 -0.22
N LEU B 81 23.63 -1.74 -1.19
CA LEU B 81 23.25 -1.04 -2.44
C LEU B 81 24.17 -1.54 -3.57
N ALA B 82 23.61 -1.82 -4.75
CA ALA B 82 24.38 -2.22 -5.96
C ALA B 82 23.89 -1.43 -7.17
N LYS B 83 24.81 -0.91 -7.98
CA LYS B 83 24.50 -0.28 -9.29
C LYS B 83 25.75 -0.31 -10.17
N LYS B 84 25.63 0.09 -11.44
CA LYS B 84 26.78 0.16 -12.37
C LYS B 84 27.74 1.23 -11.85
N PHE B 85 29.05 0.98 -11.91
CA PHE B 85 30.08 1.99 -11.57
C PHE B 85 30.00 3.11 -12.60
N ASP B 86 29.99 4.37 -12.14
CA ASP B 86 29.69 5.56 -12.98
C ASP B 86 30.59 5.58 -14.22
N THR B 87 31.88 5.25 -14.05
CA THR B 87 32.91 5.38 -15.13
C THR B 87 33.14 4.03 -15.82
N PHE B 88 32.43 2.96 -15.43
CA PHE B 88 32.49 1.67 -16.16
C PHE B 88 31.68 1.80 -17.47
N ASN B 89 32.38 1.71 -18.60
CA ASN B 89 31.78 1.70 -19.96
C ASN B 89 31.89 0.29 -20.53
N GLY B 90 30.78 -0.24 -21.04
CA GLY B 90 30.69 -1.60 -21.62
C GLY B 90 29.53 -2.38 -21.04
N GLU B 91 29.26 -3.56 -21.58
CA GLU B 91 28.24 -4.50 -21.04
C GLU B 91 28.69 -4.93 -19.63
N CYS B 92 27.88 -4.66 -18.62
CA CYS B 92 28.13 -5.06 -17.21
C CYS B 92 28.23 -6.59 -17.15
N PRO B 93 29.32 -7.16 -16.59
CA PRO B 93 29.38 -8.60 -16.34
C PRO B 93 28.24 -9.08 -15.43
N ASN B 94 27.99 -10.40 -15.39
CA ASN B 94 27.03 -11.03 -14.45
C ASN B 94 27.42 -10.65 -13.01
N PHE B 95 26.44 -10.17 -12.25
CA PHE B 95 26.59 -9.77 -10.82
C PHE B 95 25.52 -10.48 -9.98
N VAL B 96 25.85 -10.78 -8.72
CA VAL B 96 24.96 -11.48 -7.75
C VAL B 96 23.64 -10.71 -7.59
N PHE B 97 23.68 -9.37 -7.68
CA PHE B 97 22.49 -8.50 -7.48
C PHE B 97 22.22 -7.67 -8.73
N PRO B 98 20.96 -7.26 -8.96
CA PRO B 98 20.61 -6.42 -10.09
C PRO B 98 21.07 -4.96 -9.88
N LEU B 99 21.21 -4.22 -10.98
CA LEU B 99 21.63 -2.78 -10.95
C LEU B 99 20.52 -1.97 -10.28
N ASN B 100 20.91 -0.98 -9.48
CA ASN B 100 20.02 0.00 -8.78
C ASN B 100 19.11 -0.75 -7.81
N SER B 101 19.68 -1.71 -7.07
CA SER B 101 18.96 -2.51 -6.04
C SER B 101 19.47 -2.13 -4.64
N ILE B 102 18.55 -2.16 -3.68
CA ILE B 102 18.83 -2.12 -2.22
C ILE B 102 18.65 -3.55 -1.71
N ILE B 103 19.55 -4.01 -0.86
CA ILE B 103 19.62 -5.43 -0.40
C ILE B 103 19.04 -5.53 1.01
N LYS B 104 18.08 -6.43 1.20
CA LYS B 104 17.52 -6.81 2.53
C LYS B 104 18.17 -8.13 2.96
N THR B 105 18.71 -8.19 4.17
CA THR B 105 19.27 -9.43 4.78
C THR B 105 18.31 -9.88 5.88
N ILE B 106 18.02 -11.19 5.95
CA ILE B 106 17.18 -11.77 7.05
C ILE B 106 18.09 -12.01 8.25
N GLN B 107 17.75 -11.41 9.39
CA GLN B 107 18.43 -11.64 10.70
C GLN B 107 17.69 -12.76 11.44
N PRO B 108 18.41 -13.66 12.15
CA PRO B 108 17.77 -14.69 12.96
C PRO B 108 16.72 -14.11 13.92
N ARG B 109 15.53 -14.70 13.95
CA ARG B 109 14.40 -14.28 14.81
C ARG B 109 14.65 -14.76 16.25
N VAL B 110 13.79 -14.34 17.19
CA VAL B 110 13.85 -14.68 18.64
C VAL B 110 13.82 -16.20 18.80
N LYS B 113 11.92 -20.48 23.44
CA LYS B 113 11.25 -21.80 23.35
C LYS B 113 11.60 -22.47 22.01
N LYS B 114 12.90 -22.72 21.77
CA LYS B 114 13.43 -23.32 20.52
C LYS B 114 12.90 -24.75 20.39
N LEU B 115 12.18 -25.05 19.30
CA LEU B 115 11.57 -26.37 19.01
C LEU B 115 12.64 -27.30 18.42
N ASP B 116 12.36 -28.60 18.35
CA ASP B 116 13.32 -29.65 17.89
C ASP B 116 13.53 -29.54 16.38
N GLY B 117 12.55 -29.99 15.59
CA GLY B 117 12.72 -30.34 14.17
C GLY B 117 12.73 -29.12 13.26
N PHE B 118 11.97 -29.18 12.16
CA PHE B 118 11.94 -28.16 11.09
C PHE B 118 11.41 -26.83 11.63
N MET B 119 10.33 -26.88 12.42
CA MET B 119 9.60 -25.66 12.89
C MET B 119 10.55 -24.76 13.69
N GLY B 120 11.41 -25.33 14.52
CA GLY B 120 12.46 -24.59 15.26
C GLY B 120 13.42 -23.89 14.31
N ARG B 121 13.77 -24.54 13.21
CA ARG B 121 14.69 -24.01 12.17
C ARG B 121 14.01 -22.87 11.40
N ILE B 122 12.78 -23.09 10.90
CA ILE B 122 12.06 -22.09 10.06
C ILE B 122 11.65 -20.90 10.91
N ARG B 123 11.35 -21.10 12.20
CA ARG B 123 10.93 -20.02 13.14
C ARG B 123 12.13 -19.12 13.48
N SER B 124 13.36 -19.56 13.23
CA SER B 124 14.59 -18.72 13.33
C SER B 124 14.67 -17.76 12.14
N VAL B 125 13.79 -17.91 11.14
CA VAL B 125 13.73 -17.05 9.92
C VAL B 125 12.44 -16.23 9.94
N TYR B 126 11.28 -16.89 10.00
CA TYR B 126 9.94 -16.27 9.87
C TYR B 126 9.06 -16.63 11.06
N PRO B 127 8.16 -15.73 11.52
CA PRO B 127 7.22 -16.05 12.60
C PRO B 127 5.99 -16.80 12.06
N VAL B 128 6.17 -18.08 11.75
CA VAL B 128 5.12 -18.97 11.16
C VAL B 128 4.83 -20.10 12.15
N ALA B 129 3.61 -20.63 12.12
CA ALA B 129 3.11 -21.70 13.03
C ALA B 129 3.23 -23.06 12.35
N SER B 130 3.18 -23.10 11.01
CA SER B 130 3.33 -24.33 10.19
C SER B 130 4.08 -24.00 8.90
N PRO B 131 4.69 -25.00 8.23
CA PRO B 131 5.35 -24.78 6.95
C PRO B 131 4.43 -24.17 5.87
N ASN B 132 3.12 -24.42 5.97
CA ASN B 132 2.10 -24.00 4.97
C ASN B 132 1.98 -22.46 4.93
N GLU B 133 2.34 -21.76 6.01
CA GLU B 133 2.31 -20.28 6.08
C GLU B 133 3.46 -19.69 5.24
N CYS B 134 4.49 -20.47 4.92
CA CYS B 134 5.58 -20.08 4.00
C CYS B 134 5.02 -20.01 2.56
N ASN B 135 5.52 -19.07 1.76
CA ASN B 135 5.09 -18.87 0.35
C ASN B 135 6.22 -19.27 -0.59
N GLN B 136 5.97 -20.28 -1.44
CA GLN B 136 6.87 -20.74 -2.51
C GLN B 136 7.18 -19.56 -3.44
N MET B 137 8.46 -19.27 -3.67
CA MET B 137 8.90 -18.17 -4.56
C MET B 137 8.79 -18.62 -6.02
N CYS B 138 8.71 -17.67 -6.94
CA CYS B 138 8.71 -17.93 -8.41
CA CYS B 138 8.72 -17.91 -8.41
C CYS B 138 10.12 -17.61 -8.96
N LEU B 139 10.91 -18.65 -9.20
CA LEU B 139 12.30 -18.55 -9.74
C LEU B 139 12.24 -18.80 -11.24
N SER B 140 12.43 -17.74 -12.03
CA SER B 140 12.26 -17.74 -13.50
C SER B 140 13.62 -17.59 -14.19
N THR B 141 13.86 -18.43 -15.20
CA THR B 141 15.06 -18.41 -16.08
C THR B 141 14.59 -18.17 -17.52
N LEU B 142 15.15 -17.15 -18.18
CA LEU B 142 14.95 -16.89 -19.63
C LEU B 142 15.89 -17.82 -20.40
N MET B 143 15.35 -18.92 -20.93
CA MET B 143 16.17 -19.99 -21.54
C MET B 143 15.38 -20.74 -22.60
N LYS B 144 16.11 -21.40 -23.51
CA LYS B 144 15.58 -22.24 -24.61
C LYS B 144 15.03 -23.54 -24.02
N CYS B 145 13.84 -23.95 -24.46
CA CYS B 145 13.25 -25.28 -24.18
C CYS B 145 13.76 -26.28 -25.22
N ASP B 146 14.35 -27.38 -24.78
CA ASP B 146 14.99 -28.42 -25.65
C ASP B 146 13.94 -29.11 -26.51
N HIS B 147 12.68 -29.13 -26.08
CA HIS B 147 11.55 -29.80 -26.79
C HIS B 147 11.03 -28.91 -27.93
N CYS B 148 10.37 -27.80 -27.61
CA CYS B 148 9.70 -26.89 -28.60
C CYS B 148 10.71 -25.93 -29.23
N GLY B 149 11.89 -25.76 -28.63
CA GLY B 149 13.00 -24.97 -29.21
C GLY B 149 12.84 -23.47 -29.03
N GLU B 150 11.80 -23.02 -28.31
CA GLU B 150 11.54 -21.57 -28.07
C GLU B 150 12.20 -21.11 -26.76
N THR B 151 12.61 -19.84 -26.73
CA THR B 151 13.18 -19.15 -25.54
C THR B 151 12.06 -18.36 -24.84
N SER B 152 11.84 -18.63 -23.56
CA SER B 152 10.82 -17.93 -22.72
C SER B 152 11.24 -17.95 -21.25
N TRP B 153 10.51 -17.22 -20.42
CA TRP B 153 10.65 -17.23 -18.94
C TRP B 153 10.04 -18.52 -18.42
N GLN B 154 10.89 -19.47 -18.03
CA GLN B 154 10.49 -20.78 -17.48
C GLN B 154 10.55 -20.67 -15.96
N THR B 155 9.52 -21.15 -15.27
CA THR B 155 9.34 -21.00 -13.80
CA THR B 155 9.38 -21.00 -13.80
C THR B 155 9.60 -22.35 -13.11
N GLY B 156 10.26 -22.33 -11.96
CA GLY B 156 10.57 -23.53 -11.15
C GLY B 156 11.47 -23.17 -9.99
N ASP B 157 12.66 -23.76 -9.93
CA ASP B 157 13.62 -23.57 -8.81
C ASP B 157 15.03 -23.42 -9.40
N PHE B 158 16.04 -23.60 -8.54
CA PHE B 158 17.49 -23.58 -8.87
C PHE B 158 17.81 -24.55 -10.03
N VAL B 159 17.23 -25.76 -10.00
CA VAL B 159 17.69 -26.92 -10.82
C VAL B 159 16.85 -27.05 -12.10
N LYS B 160 15.52 -26.98 -11.99
CA LYS B 160 14.56 -27.31 -13.08
C LYS B 160 13.51 -26.20 -13.20
N ALA B 161 13.01 -25.99 -14.42
CA ALA B 161 11.95 -25.01 -14.75
C ALA B 161 11.09 -25.56 -15.89
N THR B 162 9.83 -25.12 -15.98
CA THR B 162 8.81 -25.64 -16.92
C THR B 162 8.57 -24.62 -18.03
N CYS B 163 8.67 -25.05 -19.29
CA CYS B 163 8.30 -24.25 -20.49
C CYS B 163 6.77 -24.12 -20.54
N GLU B 164 6.25 -22.90 -20.64
CA GLU B 164 4.78 -22.63 -20.62
C GLU B 164 4.16 -23.12 -21.93
N PHE B 165 4.92 -23.04 -23.04
CA PHE B 165 4.51 -23.49 -24.40
C PHE B 165 4.10 -24.98 -24.36
N CYS B 166 5.05 -25.87 -24.09
CA CYS B 166 4.92 -27.33 -24.31
C CYS B 166 4.84 -28.11 -22.98
N GLY B 167 5.10 -27.45 -21.84
CA GLY B 167 4.99 -28.06 -20.51
C GLY B 167 6.18 -28.91 -20.13
N THR B 168 7.24 -28.94 -20.94
CA THR B 168 8.48 -29.73 -20.69
C THR B 168 9.28 -29.11 -19.54
N GLU B 169 9.74 -29.95 -18.60
CA GLU B 169 10.68 -29.56 -17.51
C GLU B 169 12.11 -29.56 -18.08
N ASN B 170 12.79 -28.41 -18.02
CA ASN B 170 14.18 -28.22 -18.51
C ASN B 170 15.09 -27.93 -17.30
N LEU B 171 16.29 -28.52 -17.27
CA LEU B 171 17.37 -28.09 -16.34
C LEU B 171 17.67 -26.62 -16.62
N THR B 172 17.92 -25.84 -15.58
CA THR B 172 18.34 -24.41 -15.70
C THR B 172 19.62 -24.34 -16.54
N LYS B 173 19.63 -23.50 -17.57
CA LYS B 173 20.84 -23.13 -18.35
C LYS B 173 21.27 -21.74 -17.88
N GLU B 174 22.50 -21.32 -18.22
CA GLU B 174 22.95 -19.90 -18.09
C GLU B 174 21.93 -19.03 -18.83
N GLY B 175 21.67 -17.83 -18.31
CA GLY B 175 20.66 -16.90 -18.85
C GLY B 175 20.18 -15.97 -17.76
N ALA B 176 19.32 -15.01 -18.13
CA ALA B 176 18.72 -14.02 -17.20
C ALA B 176 17.84 -14.76 -16.19
N THR B 177 17.93 -14.39 -14.92
CA THR B 177 17.09 -14.96 -13.83
C THR B 177 16.43 -13.83 -13.03
N THR B 178 15.34 -14.17 -12.36
CA THR B 178 14.58 -13.28 -11.45
C THR B 178 13.77 -14.15 -10.48
N CYS B 179 13.52 -13.63 -9.29
CA CYS B 179 12.63 -14.23 -8.27
C CYS B 179 11.31 -13.46 -8.21
N GLY B 180 11.10 -12.52 -9.14
CA GLY B 180 9.86 -11.73 -9.27
C GLY B 180 9.62 -10.84 -8.06
N TYR B 181 8.36 -10.65 -7.69
CA TYR B 181 7.97 -9.89 -6.47
C TYR B 181 8.10 -10.82 -5.26
N LEU B 182 8.99 -10.48 -4.33
CA LEU B 182 9.26 -11.29 -3.12
C LEU B 182 7.99 -11.31 -2.26
N PRO B 183 7.43 -12.51 -1.98
CA PRO B 183 6.30 -12.62 -1.05
C PRO B 183 6.77 -12.60 0.41
N GLN B 184 5.83 -12.52 1.35
CA GLN B 184 6.13 -12.67 2.81
C GLN B 184 6.41 -14.16 3.07
N ASN B 185 7.26 -14.45 4.06
CA ASN B 185 7.63 -15.82 4.48
C ASN B 185 8.15 -16.61 3.26
N ALA B 186 9.00 -15.97 2.46
CA ALA B 186 9.45 -16.44 1.13
C ALA B 186 10.37 -17.65 1.29
N VAL B 187 10.05 -18.75 0.61
CA VAL B 187 10.92 -19.97 0.59
C VAL B 187 11.05 -20.48 -0.84
N VAL B 188 12.10 -21.26 -1.07
CA VAL B 188 12.17 -22.21 -2.22
C VAL B 188 12.08 -23.60 -1.59
N LYS B 189 10.98 -24.30 -1.85
CA LYS B 189 10.74 -25.72 -1.49
C LYS B 189 11.20 -26.57 -2.68
N ILE B 190 12.17 -27.46 -2.45
CA ILE B 190 12.78 -28.29 -3.52
C ILE B 190 12.97 -29.71 -2.96
N TYR B 191 12.50 -30.71 -3.71
CA TYR B 191 12.78 -32.16 -3.50
C TYR B 191 14.20 -32.30 -2.97
N CYS B 192 14.38 -33.03 -1.86
CA CYS B 192 15.69 -33.28 -1.21
C CYS B 192 16.21 -34.66 -1.60
N PRO B 193 17.30 -34.76 -2.40
CA PRO B 193 17.88 -36.06 -2.77
C PRO B 193 18.36 -36.87 -1.57
N ALA B 194 18.86 -36.22 -0.51
CA ALA B 194 19.31 -36.87 0.74
C ALA B 194 18.14 -37.61 1.39
N CYS B 195 16.99 -36.93 1.52
CA CYS B 195 15.75 -37.47 2.18
C CYS B 195 15.20 -38.66 1.38
N HIS B 196 15.43 -38.69 0.06
CA HIS B 196 14.95 -39.74 -0.89
C HIS B 196 16.05 -40.76 -1.16
N ASN B 197 17.26 -40.55 -0.64
CA ASN B 197 18.42 -41.48 -0.76
C ASN B 197 18.44 -42.38 0.50
N SER B 198 18.23 -43.68 0.30
CA SER B 198 18.03 -44.69 1.38
C SER B 198 19.32 -44.96 2.16
N GLU B 199 20.48 -44.57 1.64
CA GLU B 199 21.80 -44.67 2.33
C GLU B 199 22.00 -43.49 3.30
N VAL B 200 21.17 -42.44 3.23
CA VAL B 200 21.34 -41.21 4.07
C VAL B 200 19.99 -40.88 4.72
N GLY B 201 18.93 -40.68 3.93
CA GLY B 201 17.54 -40.68 4.38
C GLY B 201 17.15 -39.44 5.18
N PRO B 202 15.89 -39.38 5.69
CA PRO B 202 15.30 -38.14 6.22
C PRO B 202 15.88 -37.58 7.53
N GLU B 203 16.69 -38.36 8.24
CA GLU B 203 17.31 -37.95 9.53
C GLU B 203 18.72 -37.40 9.25
N HIS B 204 19.03 -37.10 7.99
CA HIS B 204 20.37 -36.61 7.56
C HIS B 204 20.69 -35.32 8.32
N SER B 205 21.97 -35.12 8.64
CA SER B 205 22.51 -33.86 9.21
C SER B 205 22.39 -32.74 8.18
N LEU B 206 22.52 -31.48 8.62
CA LEU B 206 22.56 -30.30 7.71
C LEU B 206 23.74 -30.46 6.76
N ALA B 207 24.89 -30.92 7.26
CA ALA B 207 26.12 -31.16 6.48
C ALA B 207 25.85 -32.15 5.34
N GLU B 208 25.20 -33.27 5.67
CA GLU B 208 24.90 -34.36 4.70
C GLU B 208 23.95 -33.85 3.62
N TYR B 209 23.05 -32.92 3.95
CA TYR B 209 22.11 -32.33 2.96
C TYR B 209 22.92 -31.78 1.78
N HIS B 210 23.94 -30.96 2.09
CA HIS B 210 24.78 -30.25 1.09
C HIS B 210 25.67 -31.24 0.34
N ASN B 211 26.08 -32.33 1.00
CA ASN B 211 26.86 -33.44 0.39
C ASN B 211 26.01 -34.19 -0.66
N GLU B 212 24.69 -34.21 -0.50
CA GLU B 212 23.77 -35.05 -1.34
C GLU B 212 22.83 -34.21 -2.22
N SER B 213 22.69 -32.91 -1.98
CA SER B 213 21.71 -32.01 -2.66
C SER B 213 21.97 -31.94 -4.16
N GLY B 214 23.24 -31.98 -4.57
CA GLY B 214 23.68 -31.71 -5.96
C GLY B 214 23.76 -30.22 -6.23
N LEU B 215 23.48 -29.38 -5.23
CA LEU B 215 23.55 -27.90 -5.32
C LEU B 215 24.91 -27.45 -4.79
N LYS B 216 25.82 -27.08 -5.70
CA LYS B 216 27.25 -26.81 -5.38
C LYS B 216 27.33 -25.61 -4.44
N THR B 217 28.00 -25.78 -3.30
CA THR B 217 28.23 -24.69 -2.30
C THR B 217 29.67 -24.76 -1.80
N ILE B 218 30.13 -23.67 -1.18
CA ILE B 218 31.45 -23.57 -0.52
C ILE B 218 31.21 -23.24 0.96
N LEU B 219 31.79 -24.01 1.88
CA LEU B 219 31.74 -23.72 3.33
C LEU B 219 32.68 -22.54 3.59
N ARG B 220 32.13 -21.39 3.95
CA ARG B 220 32.86 -20.11 4.12
C ARG B 220 32.03 -19.18 4.99
N LYS B 221 32.61 -18.07 5.45
CA LYS B 221 31.96 -17.07 6.34
C LYS B 221 30.62 -16.66 5.71
N GLY B 222 29.55 -16.63 6.51
CA GLY B 222 28.17 -16.34 6.07
C GLY B 222 27.38 -17.60 5.77
N GLY B 223 28.07 -18.75 5.64
CA GLY B 223 27.44 -20.07 5.45
C GLY B 223 27.43 -20.49 3.99
N ARG B 224 27.02 -21.72 3.72
CA ARG B 224 26.82 -22.23 2.34
C ARG B 224 25.67 -21.44 1.71
N THR B 225 25.87 -20.94 0.48
CA THR B 225 24.88 -20.11 -0.25
C THR B 225 24.74 -20.61 -1.68
N ILE B 226 23.60 -20.31 -2.29
CA ILE B 226 23.40 -20.39 -3.76
C ILE B 226 22.73 -19.08 -4.18
N ALA B 227 23.20 -18.51 -5.30
CA ALA B 227 22.71 -17.22 -5.83
C ALA B 227 21.77 -17.52 -7.00
N PHE B 228 20.62 -16.84 -7.04
CA PHE B 228 19.64 -16.94 -8.15
C PHE B 228 18.76 -15.68 -8.16
N GLY B 229 18.61 -15.08 -9.34
CA GLY B 229 17.56 -14.09 -9.66
C GLY B 229 17.52 -12.91 -8.70
N GLY B 230 18.68 -12.46 -8.22
CA GLY B 230 18.84 -11.26 -7.38
C GLY B 230 18.74 -11.58 -5.89
N CYS B 231 18.65 -12.86 -5.53
CA CYS B 231 18.65 -13.33 -4.12
C CYS B 231 19.88 -14.21 -3.86
N VAL B 232 20.29 -14.29 -2.59
CA VAL B 232 21.28 -15.26 -2.09
C VAL B 232 20.57 -16.13 -1.06
N PHE B 233 20.56 -17.44 -1.30
CA PHE B 233 19.73 -18.43 -0.57
C PHE B 233 20.62 -19.17 0.42
N SER B 234 20.03 -19.50 1.59
CA SER B 234 20.62 -20.35 2.65
C SER B 234 19.66 -21.50 2.94
N TYR B 235 20.18 -22.67 3.29
CA TYR B 235 19.41 -23.90 3.57
C TYR B 235 18.91 -23.83 5.02
N VAL B 236 17.59 -23.99 5.21
CA VAL B 236 16.93 -23.94 6.54
C VAL B 236 16.85 -25.37 7.11
N GLY B 237 16.30 -26.29 6.34
CA GLY B 237 16.04 -27.67 6.80
C GLY B 237 15.03 -28.36 5.89
N CYS B 238 14.67 -29.61 6.21
CA CYS B 238 13.76 -30.44 5.41
C CYS B 238 12.48 -30.73 6.19
N HIS B 239 11.34 -30.66 5.50
CA HIS B 239 10.01 -31.10 6.00
C HIS B 239 9.36 -31.97 4.92
N ASN B 240 8.91 -33.18 5.30
CA ASN B 240 8.25 -34.17 4.40
C ASN B 240 9.11 -34.36 3.14
N LYS B 241 10.42 -34.51 3.30
CA LYS B 241 11.41 -34.85 2.25
C LYS B 241 11.53 -33.72 1.22
N CYS B 242 11.17 -32.49 1.58
CA CYS B 242 11.41 -31.26 0.78
C CYS B 242 12.37 -30.34 1.54
N ALA B 243 13.43 -29.89 0.87
CA ALA B 243 14.41 -28.91 1.39
C ALA B 243 13.81 -27.52 1.25
N TYR B 244 13.93 -26.70 2.31
CA TYR B 244 13.53 -25.28 2.33
C TYR B 244 14.78 -24.41 2.34
N TRP B 245 14.93 -23.58 1.30
CA TRP B 245 15.92 -22.47 1.26
C TRP B 245 15.19 -21.15 1.45
N VAL B 246 15.84 -20.17 2.08
CA VAL B 246 15.27 -18.80 2.25
C VAL B 246 16.21 -17.80 1.59
N PRO B 247 15.67 -16.72 0.99
CA PRO B 247 16.49 -15.67 0.40
C PRO B 247 17.06 -14.79 1.53
N ARG B 248 18.13 -15.25 2.17
CA ARG B 248 18.74 -14.58 3.34
C ARG B 248 19.25 -13.20 2.92
N ALA B 249 19.62 -13.04 1.64
CA ALA B 249 19.74 -11.71 0.99
C ALA B 249 18.76 -11.65 -0.19
N SER B 250 18.01 -10.55 -0.28
CA SER B 250 17.08 -10.26 -1.40
C SER B 250 17.26 -8.83 -1.89
N ALA B 251 17.43 -8.65 -3.19
CA ALA B 251 17.46 -7.34 -3.88
C ALA B 251 16.04 -6.76 -3.93
N ASN B 252 15.96 -5.44 -3.89
CA ASN B 252 14.71 -4.65 -4.11
C ASN B 252 15.05 -3.55 -5.11
N ILE B 253 14.62 -3.68 -6.37
CA ILE B 253 14.77 -2.62 -7.41
C ILE B 253 13.56 -1.67 -7.32
N GLY B 254 12.65 -1.93 -6.37
CA GLY B 254 11.38 -1.18 -6.21
C GLY B 254 10.20 -2.14 -6.21
N CYS B 255 9.24 -1.90 -5.31
CA CYS B 255 7.96 -2.66 -5.22
C CYS B 255 8.24 -4.12 -4.82
N ASN B 256 9.36 -4.35 -4.13
CA ASN B 256 9.82 -5.68 -3.62
C ASN B 256 10.18 -6.63 -4.77
N HIS B 257 10.41 -6.12 -5.98
CA HIS B 257 10.89 -6.94 -7.12
C HIS B 257 12.39 -7.18 -6.94
N THR B 258 12.84 -8.42 -7.16
CA THR B 258 14.24 -8.87 -6.96
C THR B 258 15.08 -8.54 -8.19
N GLY B 259 14.48 -7.95 -9.22
CA GLY B 259 15.19 -7.47 -10.43
C GLY B 259 15.62 -8.64 -11.29
N VAL B 260 16.53 -8.39 -12.24
CA VAL B 260 17.02 -9.41 -13.22
C VAL B 260 18.55 -9.40 -13.20
N VAL B 261 19.15 -10.60 -13.12
CA VAL B 261 20.63 -10.79 -13.17
C VAL B 261 20.95 -11.83 -14.25
N GLY B 262 22.22 -11.93 -14.64
CA GLY B 262 22.70 -12.93 -15.62
C GLY B 262 22.80 -12.36 -17.01
N GLU B 263 23.01 -13.23 -18.00
CA GLU B 263 23.28 -12.85 -19.42
C GLU B 263 22.06 -12.10 -19.97
N GLY B 264 22.27 -10.90 -20.53
CA GLY B 264 21.24 -10.06 -21.15
C GLY B 264 20.35 -9.34 -20.14
N SER B 265 20.78 -9.22 -18.87
CA SER B 265 19.92 -8.76 -17.75
C SER B 265 19.87 -7.22 -17.68
N GLU B 266 20.90 -6.51 -18.15
CA GLU B 266 20.98 -5.03 -17.98
C GLU B 266 19.75 -4.36 -18.62
N GLY B 267 19.40 -4.75 -19.86
CA GLY B 267 18.22 -4.23 -20.58
C GLY B 267 16.91 -4.65 -19.92
N LEU B 268 16.81 -5.92 -19.54
CA LEU B 268 15.57 -6.49 -18.93
C LEU B 268 15.34 -5.85 -17.55
N ASN B 269 16.39 -5.73 -16.75
CA ASN B 269 16.33 -5.11 -15.40
C ASN B 269 15.94 -3.63 -15.57
N ASP B 270 16.58 -2.95 -16.53
CA ASP B 270 16.37 -1.50 -16.80
C ASP B 270 14.87 -1.24 -17.06
N ASN B 271 14.21 -2.12 -17.83
CA ASN B 271 12.76 -2.00 -18.14
C ASN B 271 11.96 -1.97 -16.82
N LEU B 272 12.30 -2.86 -15.88
CA LEU B 272 11.59 -2.96 -14.58
C LEU B 272 11.90 -1.73 -13.71
N LEU B 273 13.14 -1.20 -13.79
CA LEU B 273 13.54 0.05 -13.08
C LEU B 273 12.61 1.20 -13.51
N GLU B 274 12.31 1.29 -14.80
CA GLU B 274 11.49 2.40 -15.37
C GLU B 274 10.04 2.28 -14.90
N ILE B 275 9.58 1.06 -14.58
CA ILE B 275 8.18 0.76 -14.15
C ILE B 275 8.06 0.87 -12.62
N LEU B 276 9.03 0.35 -11.86
CA LEU B 276 8.89 0.07 -10.41
C LEU B 276 9.65 1.10 -9.55
N GLN B 277 10.67 1.77 -10.09
CA GLN B 277 11.56 2.67 -9.31
C GLN B 277 11.38 4.13 -9.78
N LYS B 278 11.59 4.38 -11.08
CA LYS B 278 11.75 5.74 -11.66
C LYS B 278 10.42 6.49 -11.64
N MET C 2 17.59 21.49 9.30
CA MET C 2 16.84 21.65 10.60
C MET C 2 15.93 20.44 10.80
N ALA C 3 15.06 20.17 9.84
CA ALA C 3 14.11 19.03 9.83
C ALA C 3 14.87 17.73 9.54
N TYR C 4 15.93 17.77 8.72
CA TYR C 4 16.62 16.57 8.21
C TYR C 4 17.11 15.71 9.38
N THR C 5 16.83 14.41 9.32
CA THR C 5 17.11 13.42 10.38
C THR C 5 17.64 12.13 9.75
N ARG C 6 18.94 11.85 9.88
CA ARG C 6 19.53 10.59 9.35
C ARG C 6 18.94 9.39 10.09
N TYR C 7 19.05 9.38 11.42
CA TYR C 7 18.74 8.21 12.28
C TYR C 7 17.25 8.17 12.61
N VAL C 8 16.63 7.01 12.40
CA VAL C 8 15.18 6.77 12.69
C VAL C 8 15.05 5.45 13.44
N ASP C 9 13.87 5.18 14.01
CA ASP C 9 13.48 3.83 14.48
C ASP C 9 13.01 3.02 13.26
N ASN C 10 12.68 1.75 13.46
CA ASN C 10 12.27 0.83 12.36
C ASN C 10 10.88 1.25 11.83
N ASN C 11 10.21 2.19 12.52
CA ASN C 11 8.92 2.79 12.09
C ASN C 11 9.16 4.14 11.41
N PHE C 12 10.43 4.48 11.13
CA PHE C 12 10.87 5.67 10.36
C PHE C 12 10.54 6.97 11.09
N CYS C 13 10.37 6.92 12.41
CA CYS C 13 10.18 8.10 13.28
C CYS C 13 11.56 8.53 13.82
N GLY C 14 11.70 9.82 14.14
CA GLY C 14 13.00 10.44 14.48
C GLY C 14 13.43 10.17 15.92
N PRO C 15 14.63 10.65 16.32
CA PRO C 15 15.16 10.46 17.66
C PRO C 15 14.34 11.11 18.78
N ASP C 16 13.45 12.05 18.43
CA ASP C 16 12.56 12.75 19.40
C ASP C 16 11.22 11.99 19.49
N GLY C 17 11.04 10.94 18.69
CA GLY C 17 9.80 10.14 18.63
C GLY C 17 8.76 10.75 17.71
N TYR C 18 9.09 11.83 16.99
CA TYR C 18 8.16 12.55 16.08
C TYR C 18 8.44 12.17 14.64
N PRO C 19 7.42 12.26 13.75
CA PRO C 19 7.59 11.89 12.34
C PRO C 19 8.50 12.89 11.61
N LEU C 20 9.22 12.40 10.60
CA LEU C 20 10.10 13.20 9.73
C LEU C 20 9.22 13.88 8.66
N GLU C 21 9.57 15.11 8.27
CA GLU C 21 8.84 15.85 7.20
C GLU C 21 9.01 15.12 5.86
N CYS C 22 10.21 14.62 5.56
CA CYS C 22 10.52 13.96 4.27
C CYS C 22 9.64 12.72 4.09
N ILE C 23 9.49 11.89 5.13
CA ILE C 23 8.68 10.63 5.08
C ILE C 23 7.19 11.00 4.99
N LYS C 24 6.76 12.05 5.70
CA LYS C 24 5.37 12.56 5.65
C LYS C 24 4.99 12.92 4.21
N ASP C 25 5.87 13.67 3.53
CA ASP C 25 5.62 14.21 2.16
C ASP C 25 5.62 13.06 1.15
N LEU C 26 6.54 12.10 1.33
CA LEU C 26 6.62 10.84 0.53
C LEU C 26 5.28 10.10 0.61
N LEU C 27 4.73 9.96 1.81
CA LEU C 27 3.44 9.27 2.06
C LEU C 27 2.28 10.11 1.50
N ALA C 28 2.30 11.43 1.72
CA ALA C 28 1.26 12.38 1.24
C ALA C 28 1.16 12.32 -0.29
N ARG C 29 2.30 12.40 -0.99
CA ARG C 29 2.36 12.41 -2.47
C ARG C 29 1.91 11.06 -3.04
N ALA C 30 2.12 9.96 -2.30
CA ALA C 30 1.68 8.60 -2.68
C ALA C 30 0.20 8.37 -2.35
N GLY C 31 -0.47 9.38 -1.77
CA GLY C 31 -1.89 9.30 -1.38
C GLY C 31 -2.11 8.33 -0.22
N LYS C 32 -1.11 8.19 0.66
CA LYS C 32 -1.11 7.18 1.76
C LYS C 32 -0.98 7.85 3.13
N ALA C 33 -1.28 9.14 3.23
CA ALA C 33 -1.10 9.96 4.46
C ALA C 33 -2.05 9.49 5.57
N SER C 34 -3.20 8.90 5.24
CA SER C 34 -4.24 8.51 6.22
C SER C 34 -4.33 6.99 6.37
N CYS C 35 -3.41 6.24 5.76
CA CYS C 35 -3.33 4.76 5.89
C CYS C 35 -2.79 4.41 7.29
N THR C 36 -2.94 3.16 7.72
CA THR C 36 -2.36 2.63 8.99
C THR C 36 -0.84 2.63 8.86
N LEU C 37 -0.13 2.66 9.99
CA LEU C 37 1.36 2.67 10.03
C LEU C 37 1.89 1.48 9.22
N SER C 38 1.30 0.29 9.37
CA SER C 38 1.72 -0.96 8.68
C SER C 38 1.63 -0.78 7.17
N GLU C 39 0.50 -0.29 6.66
CA GLU C 39 0.30 -0.01 5.21
C GLU C 39 1.36 0.98 4.74
N GLN C 40 1.66 2.00 5.55
CA GLN C 40 2.64 3.08 5.22
C GLN C 40 4.05 2.50 5.17
N LEU C 41 4.42 1.65 6.12
CA LEU C 41 5.75 0.98 6.16
C LEU C 41 5.89 -0.01 5.02
N ASP C 42 4.79 -0.64 4.59
CA ASP C 42 4.74 -1.51 3.39
C ASP C 42 5.15 -0.68 2.17
N PHE C 43 4.55 0.50 2.01
CA PHE C 43 4.88 1.45 0.90
C PHE C 43 6.34 1.87 1.01
N ILE C 44 6.82 2.17 2.22
CA ILE C 44 8.23 2.62 2.45
C ILE C 44 9.17 1.51 1.95
N ASP C 45 8.84 0.25 2.21
CA ASP C 45 9.60 -0.93 1.72
C ASP C 45 9.60 -0.99 0.19
N THR C 46 8.49 -0.62 -0.47
CA THR C 46 8.40 -0.56 -1.95
C THR C 46 9.34 0.55 -2.46
N LYS C 47 9.61 1.57 -1.63
CA LYS C 47 10.54 2.69 -1.95
C LYS C 47 11.97 2.33 -1.50
N ARG C 48 12.20 1.09 -1.06
CA ARG C 48 13.54 0.51 -0.75
C ARG C 48 14.01 1.01 0.63
N GLY C 49 13.08 1.13 1.59
CA GLY C 49 13.37 1.31 3.02
C GLY C 49 14.15 2.59 3.30
N VAL C 50 15.33 2.47 3.94
CA VAL C 50 16.15 3.64 4.39
C VAL C 50 16.71 4.41 3.19
N TYR C 51 16.52 3.92 1.96
CA TYR C 51 16.90 4.61 0.71
C TYR C 51 15.66 5.20 0.01
N CYS C 52 14.55 5.37 0.73
CA CYS C 52 13.23 5.82 0.18
C CYS C 52 13.31 7.26 -0.33
N CYS C 53 14.21 8.08 0.24
CA CYS C 53 14.38 9.51 -0.11
C CYS C 53 15.57 9.65 -1.08
N ARG C 54 15.33 10.24 -2.25
CA ARG C 54 16.35 10.45 -3.32
C ARG C 54 17.51 11.30 -2.78
N GLU C 55 17.19 12.33 -2.01
CA GLU C 55 18.08 13.50 -1.76
C GLU C 55 19.04 13.21 -0.61
N HIS C 56 18.79 12.20 0.22
CA HIS C 56 19.56 11.98 1.46
C HIS C 56 19.44 10.53 1.95
N GLU C 57 20.27 10.19 2.94
CA GLU C 57 20.37 8.84 3.55
C GLU C 57 19.57 8.81 4.86
N HIS C 58 19.04 7.63 5.21
CA HIS C 58 18.48 7.29 6.54
C HIS C 58 19.16 6.03 7.06
N GLU C 59 19.11 5.81 8.37
CA GLU C 59 19.72 4.64 9.04
C GLU C 59 18.88 4.30 10.27
N ILE C 60 18.45 3.04 10.40
CA ILE C 60 17.66 2.55 11.56
C ILE C 60 18.62 2.26 12.71
N ALA C 61 18.50 3.01 13.82
CA ALA C 61 19.31 2.85 15.04
C ALA C 61 18.50 2.15 16.15
N TRP C 62 17.17 2.27 16.13
CA TRP C 62 16.29 1.80 17.24
C TRP C 62 15.17 0.90 16.73
N TYR C 63 14.84 -0.13 17.52
CA TYR C 63 13.58 -0.89 17.39
C TYR C 63 12.57 -0.32 18.39
N THR C 64 11.42 0.11 17.88
CA THR C 64 10.26 0.52 18.72
C THR C 64 9.02 -0.25 18.26
N GLU C 65 8.10 -0.49 19.20
CA GLU C 65 6.71 -0.90 18.90
C GLU C 65 5.83 0.33 19.13
N ARG C 66 5.02 0.67 18.14
CA ARG C 66 4.16 1.89 18.16
C ARG C 66 2.72 1.47 17.84
N SER C 67 1.78 2.37 18.08
CA SER C 67 0.36 2.24 17.64
C SER C 67 0.31 2.15 16.11
N GLU C 68 -0.87 1.81 15.57
CA GLU C 68 -1.14 1.73 14.11
C GLU C 68 -1.62 3.09 13.59
N LYS C 69 -1.56 4.15 14.41
CA LYS C 69 -1.92 5.53 14.01
C LYS C 69 -1.10 5.91 12.77
N SER C 70 -1.70 6.67 11.85
CA SER C 70 -1.03 7.19 10.62
C SER C 70 0.28 7.89 11.03
N TYR C 71 1.35 7.64 10.28
CA TYR C 71 2.72 8.17 10.48
C TYR C 71 2.67 9.64 10.94
N GLU C 72 1.87 10.45 10.24
CA GLU C 72 1.65 11.90 10.49
C GLU C 72 1.29 12.17 11.96
N LEU C 73 0.54 11.25 12.58
CA LEU C 73 0.00 11.42 13.95
C LEU C 73 0.89 10.72 14.99
N GLN C 74 2.02 10.15 14.58
CA GLN C 74 2.96 9.45 15.50
C GLN C 74 3.64 10.48 16.41
N THR C 75 3.85 10.10 17.67
CA THR C 75 4.50 10.91 18.73
C THR C 75 5.26 9.97 19.65
N PRO C 76 6.14 10.48 20.54
CA PRO C 76 6.77 9.62 21.54
C PRO C 76 5.75 8.93 22.45
N PHE C 77 4.53 9.50 22.57
CA PHE C 77 3.41 8.96 23.39
C PHE C 77 2.85 7.69 22.74
N GLU C 78 3.19 7.42 21.48
CA GLU C 78 2.70 6.24 20.73
C GLU C 78 3.72 5.10 20.84
N ILE C 79 4.93 5.36 21.37
CA ILE C 79 5.98 4.31 21.60
C ILE C 79 5.58 3.50 22.82
N LYS C 80 5.58 2.17 22.72
CA LYS C 80 5.27 1.22 23.82
C LYS C 80 6.55 0.62 24.39
N LEU C 81 7.58 0.50 23.54
CA LEU C 81 8.85 -0.23 23.83
C LEU C 81 9.96 0.39 22.97
N ALA C 82 11.20 0.41 23.49
CA ALA C 82 12.38 0.97 22.79
C ALA C 82 13.63 0.14 23.11
N LYS C 83 14.40 -0.23 22.08
CA LYS C 83 15.70 -0.91 22.21
C LYS C 83 16.57 -0.61 20.98
N LYS C 84 17.86 -0.95 21.05
CA LYS C 84 18.80 -0.84 19.90
C LYS C 84 18.29 -1.79 18.82
N PHE C 85 18.25 -1.32 17.56
CA PHE C 85 17.94 -2.16 16.39
C PHE C 85 19.05 -3.21 16.25
N ASP C 86 18.67 -4.49 16.11
CA ASP C 86 19.58 -5.66 16.20
C ASP C 86 20.74 -5.52 15.21
N THR C 87 20.50 -4.94 14.02
CA THR C 87 21.48 -4.84 12.91
C THR C 87 22.23 -3.50 12.95
N PHE C 88 21.92 -2.61 13.90
CA PHE C 88 22.69 -1.36 14.11
C PHE C 88 23.93 -1.69 14.95
N ASN C 89 25.11 -1.49 14.36
CA ASN C 89 26.43 -1.76 15.00
C ASN C 89 27.02 -0.43 15.49
N GLY C 90 27.60 -0.43 16.69
CA GLY C 90 28.23 0.73 17.32
C GLY C 90 27.29 1.45 18.28
N GLU C 91 27.70 2.63 18.74
CA GLU C 91 26.98 3.42 19.76
C GLU C 91 25.75 4.08 19.12
N CYS C 92 24.56 3.83 19.70
CA CYS C 92 23.29 4.52 19.32
C CYS C 92 23.45 6.02 19.50
N PRO C 93 22.93 6.84 18.57
CA PRO C 93 22.79 8.28 18.80
C PRO C 93 21.86 8.55 19.99
N ASN C 94 21.77 9.82 20.40
CA ASN C 94 20.82 10.28 21.46
C ASN C 94 19.40 9.94 21.01
N PHE C 95 18.61 9.32 21.91
CA PHE C 95 17.20 8.96 21.68
C PHE C 95 16.35 9.49 22.85
N VAL C 96 15.08 9.82 22.58
CA VAL C 96 14.12 10.39 23.58
C VAL C 96 13.99 9.45 24.79
N PHE C 97 14.12 8.13 24.58
CA PHE C 97 13.94 7.10 25.64
C PHE C 97 15.19 6.23 25.77
N PRO C 98 15.44 5.65 26.96
CA PRO C 98 16.56 4.74 27.16
C PRO C 98 16.34 3.39 26.46
N LEU C 99 17.43 2.70 26.15
CA LEU C 99 17.39 1.38 25.48
C LEU C 99 16.81 0.34 26.45
N ASN C 100 16.05 -0.63 25.92
CA ASN C 100 15.44 -1.76 26.66
C ASN C 100 14.49 -1.20 27.73
N SER C 101 13.64 -0.25 27.34
CA SER C 101 12.62 0.40 28.21
C SER C 101 11.20 0.09 27.71
N ILE C 102 10.24 0.08 28.64
CA ILE C 102 8.77 0.04 28.37
C ILE C 102 8.25 1.43 28.67
N ILE C 103 7.39 1.97 27.81
CA ILE C 103 6.88 3.37 27.89
C ILE C 103 5.46 3.35 28.47
N LYS C 104 5.23 4.18 29.48
CA LYS C 104 3.89 4.45 30.08
C LYS C 104 3.46 5.84 29.64
N THR C 105 2.29 5.95 28.99
CA THR C 105 1.62 7.23 28.64
C THR C 105 0.44 7.43 29.60
N ILE C 106 0.40 8.56 30.31
CA ILE C 106 -0.67 8.90 31.29
C ILE C 106 -1.97 9.08 30.51
N GLN C 107 -2.92 8.14 30.65
CA GLN C 107 -4.27 8.23 30.03
C GLN C 107 -5.08 9.28 30.78
N PRO C 108 -5.84 10.16 30.09
CA PRO C 108 -6.70 11.13 30.76
C PRO C 108 -7.64 10.45 31.78
N ARG C 109 -7.80 11.08 32.95
CA ARG C 109 -8.74 10.63 34.01
C ARG C 109 -10.12 11.23 33.74
N VAL C 110 -11.14 10.38 33.61
CA VAL C 110 -12.57 10.76 33.44
C VAL C 110 -13.03 11.49 34.70
N GLU C 111 -13.06 12.84 34.66
CA GLU C 111 -13.55 13.72 35.75
C GLU C 111 -14.79 14.47 35.27
N LYS C 113 -17.63 16.20 36.42
CA LYS C 113 -17.37 17.60 36.85
C LYS C 113 -15.89 17.94 36.64
N LYS C 114 -15.39 18.95 37.36
CA LYS C 114 -13.96 19.38 37.38
C LYS C 114 -13.83 20.54 38.37
N LEU C 115 -12.94 20.41 39.37
CA LEU C 115 -12.65 21.45 40.40
C LEU C 115 -12.11 22.70 39.69
N ASP C 116 -12.42 23.88 40.22
CA ASP C 116 -11.98 25.20 39.69
C ASP C 116 -10.44 25.25 39.74
N GLY C 117 -9.82 25.75 38.67
CA GLY C 117 -8.36 25.98 38.59
C GLY C 117 -7.56 24.68 38.59
N PHE C 118 -6.49 24.62 39.39
CA PHE C 118 -5.43 23.59 39.35
C PHE C 118 -6.00 22.19 39.63
N MET C 119 -6.82 22.05 40.68
CA MET C 119 -7.34 20.73 41.15
C MET C 119 -8.06 20.00 40.01
N GLY C 120 -8.82 20.74 39.19
CA GLY C 120 -9.51 20.19 38.00
C GLY C 120 -8.52 19.68 36.97
N ARG C 121 -7.40 20.40 36.79
CA ARG C 121 -6.34 20.09 35.80
C ARG C 121 -5.54 18.87 36.26
N ILE C 122 -5.03 18.88 37.50
CA ILE C 122 -4.18 17.78 38.08
C ILE C 122 -5.04 16.52 38.25
N ARG C 123 -6.34 16.67 38.50
CA ARG C 123 -7.29 15.53 38.68
C ARG C 123 -7.43 14.75 37.36
N SER C 124 -7.11 15.38 36.22
CA SER C 124 -7.18 14.76 34.87
C SER C 124 -6.00 13.81 34.64
N VAL C 125 -4.98 13.81 35.52
CA VAL C 125 -3.76 12.95 35.42
C VAL C 125 -3.64 12.03 36.65
N TYR C 126 -3.81 12.58 37.86
CA TYR C 126 -3.62 11.85 39.14
C TYR C 126 -4.84 12.01 40.03
N PRO C 127 -5.27 10.94 40.74
CA PRO C 127 -6.39 11.03 41.70
C PRO C 127 -5.95 11.62 43.05
N VAL C 128 -5.65 12.92 43.07
CA VAL C 128 -5.13 13.66 44.27
C VAL C 128 -6.20 14.63 44.77
N ALA C 129 -6.25 14.82 46.10
CA ALA C 129 -7.17 15.75 46.81
C ALA C 129 -6.53 17.13 46.91
N SER C 130 -5.20 17.19 47.03
CA SER C 130 -4.41 18.45 47.21
C SER C 130 -3.17 18.42 46.31
N PRO C 131 -2.60 19.60 45.97
CA PRO C 131 -1.32 19.67 45.25
C PRO C 131 -0.16 18.98 45.99
N ASN C 132 -0.17 19.03 47.33
CA ASN C 132 0.91 18.49 48.21
C ASN C 132 1.00 16.97 48.10
N GLU C 133 -0.07 16.30 47.65
CA GLU C 133 -0.11 14.81 47.45
C GLU C 133 0.75 14.41 46.25
N CYS C 134 1.12 15.37 45.38
CA CYS C 134 2.08 15.16 44.26
C CYS C 134 3.49 15.09 44.83
N ASN C 135 4.36 14.28 44.20
CA ASN C 135 5.78 14.08 44.59
C ASN C 135 6.68 14.71 43.52
N GLN C 136 7.56 15.64 43.93
CA GLN C 136 8.56 16.30 43.05
C GLN C 136 9.60 15.28 42.59
N MET C 137 9.84 15.20 41.28
CA MET C 137 10.78 14.23 40.66
C MET C 137 12.21 14.74 40.81
N CYS C 138 13.18 13.83 40.81
CA CYS C 138 14.64 14.11 40.80
C CYS C 138 15.15 14.07 39.35
N LEU C 139 15.27 15.25 38.72
CA LEU C 139 15.84 15.41 37.36
C LEU C 139 17.35 15.63 37.49
N SER C 140 18.15 14.63 37.11
CA SER C 140 19.62 14.62 37.29
C SER C 140 20.31 14.73 35.93
N THR C 141 21.37 15.55 35.87
CA THR C 141 22.27 15.74 34.70
C THR C 141 23.69 15.38 35.12
N LEU C 142 24.33 14.43 34.41
CA LEU C 142 25.77 14.09 34.57
C LEU C 142 26.60 15.17 33.88
N MET C 143 27.14 16.13 34.65
CA MET C 143 27.85 17.31 34.09
C MET C 143 28.94 17.81 35.04
N LYS C 144 29.92 18.53 34.48
CA LYS C 144 31.02 19.25 35.18
C LYS C 144 30.43 20.40 36.00
N CYS C 145 30.92 20.60 37.22
CA CYS C 145 30.58 21.72 38.13
C CYS C 145 31.54 22.89 37.87
N ASP C 146 31.01 24.09 37.64
CA ASP C 146 31.80 25.32 37.34
C ASP C 146 32.61 25.72 38.57
N HIS C 147 32.12 25.42 39.78
CA HIS C 147 32.73 25.82 41.08
C HIS C 147 33.89 24.89 41.45
N CYS C 148 33.60 23.61 41.74
CA CYS C 148 34.58 22.63 42.30
C CYS C 148 35.31 21.87 41.18
N GLY C 149 34.69 21.74 40.00
CA GLY C 149 35.31 21.11 38.81
C GLY C 149 35.02 19.62 38.70
N GLU C 150 34.33 19.04 39.68
CA GLU C 150 33.99 17.60 39.70
C GLU C 150 32.88 17.34 38.67
N THR C 151 32.93 16.19 37.99
CA THR C 151 31.82 15.69 37.14
C THR C 151 30.97 14.72 37.97
N SER C 152 29.68 15.01 38.13
CA SER C 152 28.74 14.19 38.93
C SER C 152 27.30 14.33 38.41
N TRP C 153 26.41 13.50 38.94
CA TRP C 153 24.94 13.62 38.78
C TRP C 153 24.44 14.79 39.64
N GLN C 154 24.11 15.91 39.00
CA GLN C 154 23.56 17.13 39.66
C GLN C 154 22.05 17.11 39.52
N THR C 155 21.32 17.35 40.62
CA THR C 155 19.84 17.16 40.70
C THR C 155 19.16 18.53 40.77
N GLY C 156 18.11 18.72 39.97
CA GLY C 156 17.30 19.96 39.93
C GLY C 156 16.10 19.82 39.01
N ASP C 157 16.10 20.55 37.89
CA ASP C 157 14.97 20.64 36.93
C ASP C 157 15.53 20.70 35.50
N PHE C 158 14.78 21.31 34.57
CA PHE C 158 15.18 21.50 33.15
C PHE C 158 16.24 22.60 33.05
N VAL C 159 16.17 23.61 33.92
CA VAL C 159 16.93 24.90 33.83
C VAL C 159 18.28 24.76 34.54
N LYS C 160 18.27 24.42 35.84
CA LYS C 160 19.49 24.36 36.69
C LYS C 160 19.46 23.09 37.54
N ALA C 161 20.64 22.68 38.04
CA ALA C 161 20.84 21.54 38.96
C ALA C 161 21.92 21.91 39.98
N THR C 162 21.91 21.25 41.14
CA THR C 162 22.84 21.50 42.27
C THR C 162 23.90 20.40 42.33
N CYS C 163 25.16 20.81 42.53
CA CYS C 163 26.31 19.94 42.85
C CYS C 163 26.29 19.63 44.36
N GLU C 164 26.13 18.36 44.73
CA GLU C 164 25.94 17.91 46.14
C GLU C 164 27.26 18.04 46.91
N PHE C 165 28.39 18.19 46.19
CA PHE C 165 29.77 18.15 46.76
C PHE C 165 30.19 19.55 47.24
N CYS C 166 29.74 20.62 46.57
CA CYS C 166 30.03 22.04 46.94
C CYS C 166 28.74 22.81 47.27
N GLY C 167 27.58 22.34 46.80
CA GLY C 167 26.26 22.94 47.06
C GLY C 167 25.88 24.02 46.04
N THR C 168 26.74 24.26 45.04
CA THR C 168 26.54 25.31 44.00
C THR C 168 25.42 24.90 43.04
N GLU C 169 24.51 25.83 42.73
CA GLU C 169 23.53 25.71 41.60
C GLU C 169 24.25 26.06 40.29
N ASN C 170 24.18 25.17 39.31
CA ASN C 170 24.73 25.37 37.95
C ASN C 170 23.60 25.24 36.92
N LEU C 171 23.68 25.99 35.82
CA LEU C 171 22.74 25.89 34.67
C LEU C 171 22.97 24.54 33.98
N THR C 172 21.90 23.79 33.73
CA THR C 172 21.95 22.44 33.13
C THR C 172 22.72 22.50 31.81
N LYS C 173 23.74 21.65 31.66
CA LYS C 173 24.58 21.53 30.45
C LYS C 173 24.15 20.29 29.67
N GLU C 174 24.50 20.23 28.38
CA GLU C 174 24.32 19.02 27.52
C GLU C 174 25.08 17.86 28.16
N GLY C 175 24.49 16.66 28.15
CA GLY C 175 25.06 15.45 28.74
C GLY C 175 23.97 14.45 29.14
N ALA C 176 24.37 13.32 29.72
CA ALA C 176 23.45 12.23 30.13
C ALA C 176 22.48 12.77 31.19
N THR C 177 21.20 12.41 31.06
CA THR C 177 20.11 12.82 31.99
C THR C 177 19.35 11.59 32.46
N THR C 178 18.70 11.70 33.62
CA THR C 178 17.80 10.68 34.20
C THR C 178 16.81 11.38 35.13
N CYS C 179 15.62 10.78 35.28
CA CYS C 179 14.59 11.20 36.28
C CYS C 179 14.63 10.23 37.47
N GLY C 180 15.62 9.33 37.50
CA GLY C 180 15.77 8.31 38.54
C GLY C 180 14.52 7.44 38.65
N TYR C 181 14.16 7.06 39.88
CA TYR C 181 12.97 6.23 40.19
C TYR C 181 11.72 7.11 40.17
N LEU C 182 10.80 6.82 39.24
CA LEU C 182 9.54 7.60 39.08
C LEU C 182 8.67 7.42 40.32
N PRO C 183 8.38 8.50 41.08
CA PRO C 183 7.44 8.41 42.20
C PRO C 183 5.96 8.41 41.76
N GLN C 184 5.08 8.08 42.71
CA GLN C 184 3.59 8.23 42.60
C GLN C 184 3.28 9.72 42.41
N ASN C 185 2.24 10.03 41.62
CA ASN C 185 1.78 11.41 41.34
C ASN C 185 2.99 12.26 40.95
N ALA C 186 3.83 11.74 40.05
CA ALA C 186 5.13 12.33 39.65
C ALA C 186 4.89 13.67 38.95
N VAL C 187 5.47 14.75 39.48
CA VAL C 187 5.40 16.12 38.89
C VAL C 187 6.81 16.72 38.91
N VAL C 188 7.02 17.73 38.04
CA VAL C 188 8.15 18.69 38.12
C VAL C 188 7.54 20.06 38.41
N LYS C 189 7.86 20.64 39.58
CA LYS C 189 7.42 21.98 40.03
C LYS C 189 8.57 22.97 39.82
N ILE C 190 8.31 24.08 39.12
CA ILE C 190 9.33 25.10 38.76
C ILE C 190 8.67 26.49 38.78
N TYR C 191 9.40 27.51 39.22
CA TYR C 191 8.97 28.94 39.27
C TYR C 191 8.36 29.31 37.92
N CYS C 192 7.10 29.79 37.92
CA CYS C 192 6.35 30.24 36.73
C CYS C 192 6.51 31.76 36.58
N PRO C 193 7.34 32.24 35.62
CA PRO C 193 7.47 33.67 35.38
C PRO C 193 6.13 34.35 35.08
N ALA C 194 5.25 33.65 34.34
CA ALA C 194 3.89 34.12 33.96
C ALA C 194 3.09 34.50 35.21
N CYS C 195 3.03 33.58 36.18
CA CYS C 195 2.35 33.74 37.49
C CYS C 195 3.02 34.87 38.29
N HIS C 196 4.36 34.89 38.31
CA HIS C 196 5.19 35.83 39.12
C HIS C 196 5.22 37.24 38.48
N ASN C 197 4.75 37.38 37.24
CA ASN C 197 4.67 38.68 36.53
C ASN C 197 3.31 39.33 36.80
N SER C 198 3.30 40.62 37.14
CA SER C 198 2.10 41.45 37.42
C SER C 198 1.49 41.91 36.09
N VAL C 200 -0.73 40.55 32.97
CA VAL C 200 -1.27 39.16 33.15
C VAL C 200 -0.42 38.42 34.19
N GLY C 201 -1.02 37.48 34.93
CA GLY C 201 -0.36 36.72 36.01
C GLY C 201 -1.07 35.40 36.32
N PRO C 202 -1.33 35.08 37.60
CA PRO C 202 -1.81 33.75 38.01
C PRO C 202 -2.99 33.12 37.24
N GLU C 203 -3.83 33.94 36.59
CA GLU C 203 -5.03 33.47 35.83
C GLU C 203 -4.69 33.40 34.32
N HIS C 204 -3.41 33.31 33.97
CA HIS C 204 -2.89 33.38 32.57
C HIS C 204 -3.46 32.23 31.73
N SER C 205 -3.43 32.38 30.40
CA SER C 205 -3.81 31.36 29.40
C SER C 205 -2.66 30.37 29.21
N LEU C 206 -2.91 29.29 28.45
CA LEU C 206 -1.90 28.26 28.10
C LEU C 206 -0.77 28.90 27.29
N ALA C 207 -1.11 29.75 26.32
CA ALA C 207 -0.17 30.44 25.41
C ALA C 207 0.73 31.38 26.22
N GLU C 208 0.15 32.14 27.16
CA GLU C 208 0.88 33.14 28.00
C GLU C 208 1.95 32.44 28.84
N TYR C 209 1.64 31.27 29.40
CA TYR C 209 2.58 30.49 30.25
C TYR C 209 3.87 30.20 29.46
N HIS C 210 3.74 29.49 28.32
CA HIS C 210 4.86 29.00 27.47
C HIS C 210 5.70 30.18 26.96
N ASN C 211 5.06 31.29 26.60
CA ASN C 211 5.73 32.51 26.08
C ASN C 211 6.69 33.07 27.15
N GLU C 212 6.31 32.95 28.43
CA GLU C 212 7.05 33.50 29.60
C GLU C 212 7.99 32.44 30.20
N SER C 213 7.64 31.14 30.09
CA SER C 213 8.31 30.00 30.76
C SER C 213 9.84 30.08 30.62
N GLY C 214 10.34 30.49 29.45
CA GLY C 214 11.78 30.52 29.13
C GLY C 214 12.35 29.12 28.96
N LEU C 215 11.49 28.14 28.66
CA LEU C 215 11.87 26.71 28.46
C LEU C 215 11.98 26.43 26.96
N LYS C 216 13.00 25.66 26.57
CA LYS C 216 13.16 25.11 25.19
C LYS C 216 12.20 23.93 25.04
N THR C 217 11.08 24.13 24.33
CA THR C 217 10.05 23.09 24.04
C THR C 217 10.07 22.76 22.55
N ILE C 218 9.31 21.72 22.15
CA ILE C 218 9.04 21.37 20.73
C ILE C 218 7.53 21.41 20.52
N LEU C 219 7.05 22.36 19.70
CA LEU C 219 5.61 22.55 19.39
C LEU C 219 5.18 21.50 18.36
N ARG C 220 4.07 20.82 18.63
CA ARG C 220 3.53 19.71 17.81
C ARG C 220 1.99 19.76 17.82
N LYS C 221 1.33 18.75 17.26
CA LYS C 221 -0.16 18.66 17.15
C LYS C 221 -0.78 18.42 18.54
N GLY C 222 -0.07 17.72 19.43
CA GLY C 222 -0.52 17.38 20.80
C GLY C 222 -0.01 18.37 21.83
N GLY C 223 0.30 19.60 21.42
CA GLY C 223 0.80 20.68 22.29
C GLY C 223 2.33 20.73 22.34
N ARG C 224 2.88 21.43 23.32
CA ARG C 224 4.33 21.59 23.57
C ARG C 224 4.81 20.54 24.56
N THR C 225 5.95 19.90 24.29
CA THR C 225 6.54 18.82 25.12
C THR C 225 8.02 19.15 25.38
N ILE C 226 8.55 18.63 26.50
CA ILE C 226 10.00 18.70 26.87
C ILE C 226 10.47 17.28 27.18
N ALA C 227 11.50 16.81 26.47
CA ALA C 227 12.14 15.50 26.69
C ALA C 227 13.32 15.69 27.65
N PHE C 228 13.39 14.87 28.69
CA PHE C 228 14.47 14.85 29.71
C PHE C 228 14.46 13.49 30.42
N GLY C 229 15.65 12.90 30.57
CA GLY C 229 15.93 11.75 31.46
C GLY C 229 15.00 10.57 31.24
N GLY C 230 14.65 10.28 29.99
CA GLY C 230 13.82 9.12 29.60
C GLY C 230 12.32 9.39 29.76
N CYS C 231 11.95 10.65 30.03
CA CYS C 231 10.53 11.11 30.14
C CYS C 231 10.26 12.17 29.07
N VAL C 232 9.00 12.31 28.66
CA VAL C 232 8.49 13.44 27.86
C VAL C 232 7.41 14.15 28.69
N PHE C 233 7.62 15.44 28.98
CA PHE C 233 6.85 16.25 29.95
C PHE C 233 5.85 17.15 29.22
N SER C 234 4.63 17.23 29.75
CA SER C 234 3.55 18.15 29.33
C SER C 234 3.17 19.06 30.50
N TYR C 235 2.74 20.29 30.20
CA TYR C 235 2.23 21.27 31.20
C TYR C 235 0.80 20.90 31.57
N VAL C 236 0.49 20.88 32.88
CA VAL C 236 -0.86 20.54 33.43
C VAL C 236 -1.55 21.85 33.84
N GLY C 237 -0.89 22.67 34.65
CA GLY C 237 -1.42 23.94 35.19
C GLY C 237 -0.49 24.53 36.21
N CYS C 238 -0.95 25.58 36.91
CA CYS C 238 -0.17 26.31 37.95
C CYS C 238 -0.93 26.30 39.28
N HIS C 239 -0.17 26.16 40.38
CA HIS C 239 -0.61 26.39 41.77
C HIS C 239 0.53 27.06 42.54
N ASN C 240 0.23 28.14 43.27
CA ASN C 240 1.17 28.82 44.20
C ASN C 240 2.32 29.46 43.40
N LYS C 241 2.02 29.96 42.20
CA LYS C 241 2.98 30.64 41.29
C LYS C 241 4.05 29.64 40.79
N CYS C 242 3.76 28.34 40.85
CA CYS C 242 4.64 27.24 40.34
C CYS C 242 3.91 26.48 39.23
N ALA C 243 4.61 26.22 38.12
CA ALA C 243 4.13 25.41 36.98
C ALA C 243 4.36 23.93 37.30
N TYR C 244 3.33 23.09 37.07
CA TYR C 244 3.38 21.62 37.24
C TYR C 244 3.45 20.96 35.85
N TRP C 245 4.62 20.41 35.52
CA TRP C 245 4.83 19.47 34.38
C TRP C 245 4.69 18.05 34.90
N VAL C 246 4.09 17.15 34.10
CA VAL C 246 3.98 15.69 34.42
C VAL C 246 4.69 14.91 33.32
N PRO C 247 5.29 13.74 33.64
CA PRO C 247 5.91 12.89 32.63
C PRO C 247 4.82 12.13 31.88
N ARG C 248 4.14 12.79 30.94
CA ARG C 248 3.00 12.22 30.18
C ARG C 248 3.46 10.93 29.48
N ALA C 249 4.73 10.88 29.09
CA ALA C 249 5.46 9.64 28.73
C ALA C 249 6.62 9.45 29.71
N SER C 250 6.76 8.23 30.24
CA SER C 250 7.85 7.83 31.16
C SER C 250 8.36 6.45 30.74
N ALA C 251 9.68 6.33 30.55
CA ALA C 251 10.37 5.04 30.31
C ALA C 251 10.52 4.30 31.64
N ASN C 252 10.51 2.97 31.60
CA ASN C 252 10.80 2.08 32.75
C ASN C 252 11.80 1.03 32.27
N ILE C 253 13.06 1.11 32.73
CA ILE C 253 14.14 0.12 32.43
C ILE C 253 14.11 -0.98 33.50
N GLY C 254 13.27 -0.82 34.52
CA GLY C 254 13.14 -1.75 35.66
C GLY C 254 12.93 -0.99 36.96
N CYS C 255 12.01 -1.45 37.80
CA CYS C 255 11.74 -0.91 39.16
C CYS C 255 11.37 0.57 39.12
N ASN C 256 10.69 1.01 38.05
CA ASN C 256 10.19 2.39 37.84
C ASN C 256 11.34 3.39 37.61
N HIS C 257 12.56 2.91 37.32
CA HIS C 257 13.71 3.77 36.95
C HIS C 257 13.54 4.20 35.48
N THR C 258 13.67 5.49 35.19
CA THR C 258 13.42 6.10 33.86
C THR C 258 14.63 5.92 32.93
N GLY C 259 15.71 5.31 33.43
CA GLY C 259 16.95 5.03 32.68
C GLY C 259 17.76 6.29 32.43
N VAL C 260 18.75 6.18 31.54
CA VAL C 260 19.70 7.28 31.18
C VAL C 260 19.65 7.48 29.66
N VAL C 261 19.52 8.73 29.23
CA VAL C 261 19.57 9.17 27.79
C VAL C 261 20.64 10.26 27.64
N GLY C 262 21.05 10.54 26.40
CA GLY C 262 22.02 11.60 26.06
C GLY C 262 23.42 11.05 25.85
N GLU C 263 24.42 11.94 25.81
CA GLU C 263 25.84 11.60 25.54
C GLU C 263 26.36 10.60 26.56
N GLY C 264 26.94 9.49 26.10
CA GLY C 264 27.59 8.45 26.92
C GLY C 264 26.59 7.62 27.72
N SER C 265 25.29 7.72 27.41
CA SER C 265 24.19 7.13 28.19
C SER C 265 24.17 5.61 28.04
N GLU C 266 24.49 5.10 26.85
CA GLU C 266 24.32 3.67 26.50
C GLU C 266 24.98 2.80 27.58
N GLY C 267 26.23 3.11 27.94
CA GLY C 267 27.03 2.35 28.95
C GLY C 267 26.47 2.51 30.35
N LEU C 268 26.08 3.73 30.73
CA LEU C 268 25.47 4.05 32.05
C LEU C 268 24.11 3.33 32.14
N ASN C 269 23.30 3.43 31.09
CA ASN C 269 21.95 2.79 31.03
C ASN C 269 22.14 1.26 31.08
N ASP C 270 23.16 0.75 30.39
CA ASP C 270 23.49 -0.71 30.32
C ASP C 270 23.77 -1.24 31.73
N ASN C 271 24.56 -0.50 32.52
CA ASN C 271 24.89 -0.88 33.93
C ASN C 271 23.60 -1.02 34.75
N LEU C 272 22.70 -0.02 34.65
CA LEU C 272 21.42 0.00 35.41
C LEU C 272 20.50 -1.14 34.95
N LEU C 273 20.45 -1.42 33.65
CA LEU C 273 19.68 -2.54 33.04
C LEU C 273 20.07 -3.87 33.72
N GLU C 274 21.38 -4.16 33.76
CA GLU C 274 21.93 -5.40 34.38
C GLU C 274 21.34 -5.58 35.77
N ILE C 275 21.34 -4.50 36.57
CA ILE C 275 20.92 -4.50 38.01
C ILE C 275 19.38 -4.58 38.10
N LEU C 276 18.66 -3.69 37.42
CA LEU C 276 17.21 -3.44 37.67
C LEU C 276 16.33 -4.38 36.83
N GLN C 277 16.89 -5.01 35.79
CA GLN C 277 16.14 -5.85 34.83
C GLN C 277 16.66 -7.29 34.88
N THR D 5 -9.38 2.65 -20.21
CA THR D 5 -10.04 1.35 -19.88
C THR D 5 -10.97 1.55 -18.67
N ARG D 6 -12.14 2.14 -18.92
CA ARG D 6 -13.16 2.39 -17.86
C ARG D 6 -13.72 1.06 -17.37
N TYR D 7 -14.14 0.17 -18.28
CA TYR D 7 -14.93 -1.04 -17.96
C TYR D 7 -14.00 -2.21 -17.64
N VAL D 8 -14.27 -2.85 -16.50
CA VAL D 8 -13.51 -4.03 -16.00
C VAL D 8 -14.51 -5.09 -15.55
N ASP D 9 -14.03 -6.29 -15.23
CA ASP D 9 -14.82 -7.32 -14.51
C ASP D 9 -14.67 -7.04 -13.00
N ASN D 10 -15.36 -7.81 -12.17
CA ASN D 10 -15.32 -7.66 -10.69
C ASN D 10 -13.90 -7.95 -10.17
N ASN D 11 -13.04 -8.55 -11.01
CA ASN D 11 -11.63 -8.88 -10.68
C ASN D 11 -10.69 -7.77 -11.21
N PHE D 12 -11.27 -6.68 -11.73
CA PHE D 12 -10.60 -5.42 -12.16
C PHE D 12 -9.71 -5.65 -13.40
N CYS D 13 -9.97 -6.71 -14.17
CA CYS D 13 -9.31 -6.97 -15.48
C CYS D 13 -10.15 -6.40 -16.61
N GLY D 14 -9.50 -6.01 -17.71
CA GLY D 14 -10.11 -5.27 -18.83
C GLY D 14 -10.99 -6.15 -19.72
N PRO D 15 -11.60 -5.56 -20.78
CA PRO D 15 -12.47 -6.28 -21.70
C PRO D 15 -11.77 -7.34 -22.57
N ASP D 16 -10.44 -7.26 -22.69
CA ASP D 16 -9.60 -8.24 -23.43
C ASP D 16 -9.16 -9.38 -22.50
N GLY D 17 -9.56 -9.34 -21.22
CA GLY D 17 -9.22 -10.36 -20.22
C GLY D 17 -7.85 -10.15 -19.60
N TYR D 18 -7.16 -9.06 -19.92
CA TYR D 18 -5.78 -8.75 -19.42
C TYR D 18 -5.84 -7.70 -18.31
N PRO D 19 -4.83 -7.66 -17.42
CA PRO D 19 -4.80 -6.69 -16.32
C PRO D 19 -4.47 -5.28 -16.79
N LEU D 20 -4.98 -4.28 -16.07
CA LEU D 20 -4.75 -2.83 -16.33
C LEU D 20 -3.43 -2.43 -15.67
N GLU D 21 -2.63 -1.60 -16.34
CA GLU D 21 -1.34 -1.11 -15.80
C GLU D 21 -1.58 -0.23 -14.57
N CYS D 22 -2.64 0.56 -14.56
CA CYS D 22 -2.98 1.46 -13.41
C CYS D 22 -3.22 0.60 -12.15
N ILE D 23 -3.97 -0.49 -12.26
CA ILE D 23 -4.28 -1.40 -11.12
C ILE D 23 -3.03 -2.18 -10.72
N LYS D 24 -2.27 -2.69 -11.69
CA LYS D 24 -0.96 -3.37 -11.47
C LYS D 24 -0.07 -2.48 -10.59
N ASP D 25 0.04 -1.20 -10.98
CA ASP D 25 0.88 -0.19 -10.29
C ASP D 25 0.37 0.00 -8.85
N LEU D 26 -0.94 0.19 -8.69
CA LEU D 26 -1.58 0.39 -7.36
C LEU D 26 -1.16 -0.76 -6.43
N LEU D 27 -1.27 -2.00 -6.90
CA LEU D 27 -0.97 -3.22 -6.09
C LEU D 27 0.54 -3.29 -5.79
N ALA D 28 1.37 -2.95 -6.78
CA ALA D 28 2.85 -2.94 -6.66
C ALA D 28 3.28 -1.94 -5.60
N ARG D 29 2.65 -0.75 -5.56
CA ARG D 29 3.03 0.35 -4.63
CA ARG D 29 3.00 0.36 -4.63
C ARG D 29 2.60 -0.02 -3.20
N ALA D 30 1.68 -0.96 -3.04
CA ALA D 30 1.18 -1.43 -1.72
C ALA D 30 2.01 -2.62 -1.24
N GLY D 31 3.02 -3.03 -2.01
CA GLY D 31 3.82 -4.24 -1.76
C GLY D 31 3.00 -5.51 -1.88
N LYS D 32 1.95 -5.50 -2.71
CA LYS D 32 0.96 -6.62 -2.81
C LYS D 32 1.01 -7.27 -4.20
N ALA D 33 2.07 -7.05 -4.99
CA ALA D 33 2.17 -7.48 -6.40
C ALA D 33 2.24 -9.01 -6.51
N SER D 34 2.64 -9.71 -5.45
CA SER D 34 2.81 -11.20 -5.43
C SER D 34 1.73 -11.86 -4.56
N CYS D 35 0.74 -11.11 -4.08
CA CYS D 35 -0.38 -11.63 -3.26
C CYS D 35 -1.35 -12.40 -4.16
N THR D 36 -2.19 -13.26 -3.56
CA THR D 36 -3.31 -13.95 -4.27
C THR D 36 -4.27 -12.89 -4.81
N LEU D 37 -5.00 -13.20 -5.89
CA LEU D 37 -6.00 -12.27 -6.48
C LEU D 37 -6.99 -11.82 -5.40
N SER D 38 -7.46 -12.74 -4.55
CA SER D 38 -8.44 -12.45 -3.47
C SER D 38 -7.85 -11.41 -2.52
N GLU D 39 -6.62 -11.61 -2.07
CA GLU D 39 -5.87 -10.69 -1.18
C GLU D 39 -5.81 -9.31 -1.83
N GLN D 40 -5.50 -9.25 -3.12
CA GLN D 40 -5.36 -7.98 -3.88
C GLN D 40 -6.73 -7.28 -3.98
N LEU D 41 -7.80 -8.04 -4.22
CA LEU D 41 -9.17 -7.48 -4.33
C LEU D 41 -9.63 -6.97 -2.95
N ASP D 42 -9.30 -7.70 -1.87
CA ASP D 42 -9.53 -7.25 -0.47
C ASP D 42 -8.93 -5.86 -0.28
N PHE D 43 -7.68 -5.67 -0.71
CA PHE D 43 -6.93 -4.40 -0.56
C PHE D 43 -7.60 -3.28 -1.38
N ILE D 44 -7.88 -3.54 -2.66
CA ILE D 44 -8.54 -2.57 -3.59
C ILE D 44 -9.86 -2.10 -2.95
N ASP D 45 -10.59 -3.00 -2.30
CA ASP D 45 -11.87 -2.73 -1.61
C ASP D 45 -11.66 -1.72 -0.47
N THR D 46 -10.53 -1.79 0.24
CA THR D 46 -10.17 -0.87 1.34
C THR D 46 -9.73 0.49 0.78
N LYS D 47 -9.50 0.58 -0.54
CA LYS D 47 -8.94 1.78 -1.20
C LYS D 47 -9.93 2.33 -2.24
N ARG D 48 -11.24 2.23 -1.96
CA ARG D 48 -12.31 2.96 -2.70
C ARG D 48 -12.73 2.21 -3.97
N GLY D 49 -12.42 0.91 -4.07
CA GLY D 49 -12.85 0.02 -5.17
C GLY D 49 -12.67 0.64 -6.54
N VAL D 50 -13.76 0.80 -7.29
CA VAL D 50 -13.77 1.30 -8.70
C VAL D 50 -13.25 2.75 -8.77
N TYR D 51 -13.18 3.44 -7.63
CA TYR D 51 -12.65 4.84 -7.51
C TYR D 51 -11.24 4.81 -6.91
N CYS D 52 -10.52 3.70 -7.04
CA CYS D 52 -9.18 3.48 -6.44
C CYS D 52 -8.12 4.32 -7.17
N CYS D 53 -8.32 4.60 -8.46
CA CYS D 53 -7.42 5.44 -9.30
C CYS D 53 -7.85 6.91 -9.20
N ARG D 54 -6.89 7.82 -9.04
CA ARG D 54 -7.15 9.27 -8.80
C ARG D 54 -7.41 9.98 -10.13
N GLU D 55 -6.83 9.50 -11.24
CA GLU D 55 -6.82 10.20 -12.54
C GLU D 55 -8.06 9.83 -13.37
N HIS D 56 -8.73 8.71 -13.07
CA HIS D 56 -9.90 8.21 -13.85
C HIS D 56 -10.83 7.36 -12.99
N GLU D 57 -11.94 6.93 -13.58
CA GLU D 57 -13.05 6.17 -12.94
C GLU D 57 -13.17 4.80 -13.61
N HIS D 58 -13.40 3.75 -12.83
CA HIS D 58 -13.67 2.37 -13.35
C HIS D 58 -15.13 2.00 -13.05
N GLU D 59 -15.64 0.98 -13.76
CA GLU D 59 -17.04 0.52 -13.66
C GLU D 59 -17.10 -0.97 -14.03
N ILE D 60 -17.62 -1.81 -13.13
CA ILE D 60 -17.71 -3.29 -13.31
C ILE D 60 -18.90 -3.59 -14.23
N ALA D 61 -18.61 -4.11 -15.43
CA ALA D 61 -19.61 -4.51 -16.44
C ALA D 61 -19.83 -6.03 -16.40
N TRP D 62 -18.81 -6.80 -15.98
CA TRP D 62 -18.83 -8.29 -16.03
C TRP D 62 -18.54 -8.89 -14.65
N TYR D 63 -19.21 -9.99 -14.35
CA TYR D 63 -18.79 -10.99 -13.34
C TYR D 63 -17.93 -12.03 -14.05
N THR D 64 -16.71 -12.26 -13.55
CA THR D 64 -15.86 -13.41 -13.96
C THR D 64 -15.41 -14.15 -12.70
N GLU D 65 -15.15 -15.44 -12.84
CA GLU D 65 -14.37 -16.22 -11.84
C GLU D 65 -13.01 -16.51 -12.49
N ARG D 66 -11.95 -16.21 -11.76
CA ARG D 66 -10.54 -16.33 -12.22
C ARG D 66 -9.78 -17.21 -11.23
N SER D 67 -8.62 -17.70 -11.65
CA SER D 67 -7.59 -18.32 -10.78
C SER D 67 -7.20 -17.30 -9.68
N GLU D 68 -6.49 -17.77 -8.66
CA GLU D 68 -5.97 -16.94 -7.55
C GLU D 68 -4.61 -16.35 -7.91
N LYS D 69 -4.13 -16.58 -9.14
CA LYS D 69 -2.84 -16.02 -9.62
C LYS D 69 -2.85 -14.51 -9.41
N SER D 70 -1.68 -13.95 -9.06
CA SER D 70 -1.48 -12.49 -8.83
C SER D 70 -2.02 -11.71 -10.02
N TYR D 71 -2.65 -10.57 -9.74
CA TYR D 71 -3.28 -9.65 -10.73
C TYR D 71 -2.43 -9.54 -12.01
N GLU D 72 -1.13 -9.27 -11.89
CA GLU D 72 -0.24 -9.01 -13.05
C GLU D 72 -0.08 -10.26 -13.93
N LEU D 73 -0.35 -11.47 -13.39
CA LEU D 73 -0.23 -12.75 -14.12
C LEU D 73 -1.58 -13.15 -14.73
N GLN D 74 -2.64 -12.39 -14.46
CA GLN D 74 -4.01 -12.67 -14.99
C GLN D 74 -4.00 -12.46 -16.50
N THR D 75 -4.75 -13.32 -17.19
CA THR D 75 -4.92 -13.34 -18.66
C THR D 75 -6.33 -13.85 -18.94
N PRO D 76 -6.84 -13.75 -20.19
CA PRO D 76 -8.08 -14.43 -20.57
C PRO D 76 -8.06 -15.93 -20.24
N PHE D 77 -6.87 -16.56 -20.21
CA PHE D 77 -6.68 -18.02 -20.02
C PHE D 77 -6.95 -18.40 -18.56
N GLU D 78 -7.02 -17.41 -17.66
CA GLU D 78 -7.28 -17.57 -16.22
C GLU D 78 -8.77 -17.42 -15.91
N ILE D 79 -9.58 -16.95 -16.86
CA ILE D 79 -11.06 -16.82 -16.71
C ILE D 79 -11.67 -18.22 -16.76
N LYS D 80 -12.55 -18.54 -15.82
CA LYS D 80 -13.29 -19.83 -15.72
C LYS D 80 -14.71 -19.64 -16.25
N LEU D 81 -15.26 -18.42 -16.15
CA LEU D 81 -16.69 -18.12 -16.36
C LEU D 81 -16.86 -16.61 -16.59
N ALA D 82 -17.79 -16.22 -17.45
CA ALA D 82 -18.10 -14.80 -17.78
C ALA D 82 -19.62 -14.60 -17.84
N LYS D 83 -20.12 -13.58 -17.13
CA LYS D 83 -21.53 -13.10 -17.16
C LYS D 83 -21.54 -11.58 -17.15
N LYS D 84 -22.72 -10.98 -17.34
CA LYS D 84 -22.98 -9.56 -17.00
C LYS D 84 -22.91 -9.43 -15.48
N PHE D 85 -22.35 -8.34 -14.97
CA PHE D 85 -22.32 -8.03 -13.52
C PHE D 85 -23.75 -7.68 -13.09
N ASP D 86 -24.27 -8.32 -12.05
CA ASP D 86 -25.72 -8.34 -11.71
C ASP D 86 -26.21 -6.90 -11.49
N THR D 87 -25.38 -6.04 -10.87
CA THR D 87 -25.73 -4.64 -10.53
C THR D 87 -25.33 -3.68 -11.66
N PHE D 88 -24.76 -4.18 -12.76
CA PHE D 88 -24.46 -3.37 -13.97
C PHE D 88 -25.72 -3.28 -14.84
N ASN D 89 -26.31 -2.08 -14.91
CA ASN D 89 -27.45 -1.75 -15.80
C ASN D 89 -26.90 -1.03 -17.04
N GLY D 90 -27.49 -1.32 -18.20
CA GLY D 90 -26.99 -0.89 -19.52
C GLY D 90 -26.46 -2.07 -20.31
N GLU D 91 -26.36 -1.93 -21.63
CA GLU D 91 -25.75 -2.94 -22.54
C GLU D 91 -24.27 -3.04 -22.21
N CYS D 92 -23.76 -4.26 -22.03
CA CYS D 92 -22.32 -4.53 -21.81
C CYS D 92 -21.53 -4.01 -23.01
N PRO D 93 -20.31 -3.44 -22.81
CA PRO D 93 -19.41 -3.19 -23.93
C PRO D 93 -18.97 -4.55 -24.51
N ASN D 94 -18.26 -4.54 -25.65
CA ASN D 94 -17.68 -5.77 -26.23
C ASN D 94 -16.78 -6.40 -25.17
N PHE D 95 -16.79 -7.73 -25.07
CA PHE D 95 -15.96 -8.53 -24.13
C PHE D 95 -15.31 -9.69 -24.91
N VAL D 96 -14.13 -10.11 -24.45
CA VAL D 96 -13.34 -11.24 -25.06
C VAL D 96 -14.21 -12.51 -25.13
N PHE D 97 -15.03 -12.79 -24.11
CA PHE D 97 -15.88 -14.00 -24.05
C PHE D 97 -17.36 -13.64 -24.10
N PRO D 98 -18.23 -14.56 -24.59
CA PRO D 98 -19.67 -14.32 -24.61
C PRO D 98 -20.25 -14.47 -23.20
N LEU D 99 -21.39 -13.79 -22.93
CA LEU D 99 -22.06 -13.81 -21.60
C LEU D 99 -22.59 -15.21 -21.32
N ASN D 100 -22.48 -15.65 -20.06
CA ASN D 100 -22.99 -16.93 -19.52
C ASN D 100 -22.28 -18.11 -20.18
N SER D 101 -20.95 -18.01 -20.31
CA SER D 101 -20.05 -19.07 -20.83
C SER D 101 -19.22 -19.64 -19.69
N ILE D 102 -18.84 -20.92 -19.79
CA ILE D 102 -17.68 -21.51 -19.05
C ILE D 102 -16.51 -21.47 -20.04
N ILE D 103 -15.30 -21.20 -19.53
CA ILE D 103 -14.07 -21.10 -20.36
C ILE D 103 -13.22 -22.34 -20.13
N LYS D 104 -12.77 -22.98 -21.20
CA LYS D 104 -11.80 -24.10 -21.16
C LYS D 104 -10.48 -23.59 -21.73
N THR D 105 -9.37 -23.79 -21.00
CA THR D 105 -7.99 -23.49 -21.46
C THR D 105 -7.28 -24.81 -21.77
N ILE D 106 -6.67 -24.93 -22.96
CA ILE D 106 -5.88 -26.13 -23.36
C ILE D 106 -4.58 -26.14 -22.54
N GLN D 107 -4.40 -27.14 -21.68
CA GLN D 107 -3.14 -27.38 -20.92
C GLN D 107 -2.19 -28.19 -21.79
N PRO D 108 -0.86 -27.93 -21.73
CA PRO D 108 0.11 -28.67 -22.53
C PRO D 108 0.03 -30.19 -22.26
N ARG D 109 0.02 -30.98 -23.33
CA ARG D 109 0.13 -32.46 -23.27
C ARG D 109 1.61 -32.81 -23.20
N VAL D 110 2.06 -33.38 -22.08
CA VAL D 110 3.48 -33.78 -21.85
C VAL D 110 3.59 -35.29 -22.09
N GLU D 111 4.54 -35.72 -22.93
CA GLU D 111 4.72 -37.14 -23.35
C GLU D 111 6.21 -37.52 -23.31
N LYS D 112 6.49 -38.77 -22.94
CA LYS D 112 7.85 -39.35 -22.87
C LYS D 112 8.55 -39.16 -24.22
N LYS D 113 7.92 -39.59 -25.31
CA LYS D 113 8.50 -39.57 -26.68
C LYS D 113 8.32 -38.18 -27.30
N LYS D 114 9.43 -37.46 -27.49
CA LYS D 114 9.50 -36.16 -28.22
C LYS D 114 9.48 -36.44 -29.73
N LEU D 115 8.49 -35.89 -30.45
CA LEU D 115 8.46 -35.88 -31.93
C LEU D 115 9.09 -34.59 -32.44
N ASP D 116 9.74 -34.65 -33.61
CA ASP D 116 10.44 -33.51 -34.24
C ASP D 116 9.43 -32.62 -34.95
N GLY D 117 9.81 -31.36 -35.22
CA GLY D 117 9.06 -30.42 -36.08
C GLY D 117 7.61 -30.25 -35.65
N PHE D 118 6.71 -30.10 -36.61
CA PHE D 118 5.30 -29.69 -36.39
C PHE D 118 4.56 -30.72 -35.53
N MET D 119 4.75 -32.03 -35.80
CA MET D 119 4.05 -33.10 -35.06
C MET D 119 4.31 -32.95 -33.56
N GLY D 120 5.55 -32.64 -33.17
CA GLY D 120 5.94 -32.34 -31.78
C GLY D 120 5.11 -31.21 -31.20
N ARG D 121 4.96 -30.13 -31.96
CA ARG D 121 4.21 -28.92 -31.53
C ARG D 121 2.72 -29.24 -31.39
N ILE D 122 2.10 -29.87 -32.38
CA ILE D 122 0.62 -30.11 -32.37
C ILE D 122 0.28 -31.17 -31.32
N ARG D 123 1.19 -32.11 -31.02
CA ARG D 123 0.98 -33.18 -30.00
C ARG D 123 1.02 -32.58 -28.59
N SER D 124 1.60 -31.39 -28.40
CA SER D 124 1.53 -30.63 -27.12
C SER D 124 0.11 -30.11 -26.89
N VAL D 125 -0.73 -30.07 -27.94
CA VAL D 125 -2.12 -29.54 -27.88
C VAL D 125 -3.12 -30.70 -27.90
N TYR D 126 -3.00 -31.62 -28.86
CA TYR D 126 -3.99 -32.68 -29.17
C TYR D 126 -3.32 -34.03 -29.39
N PRO D 127 -3.95 -35.14 -28.98
CA PRO D 127 -3.39 -36.48 -29.17
C PRO D 127 -3.61 -37.00 -30.60
N VAL D 128 -2.96 -36.39 -31.59
CA VAL D 128 -3.16 -36.66 -33.04
C VAL D 128 -1.91 -37.34 -33.60
N ALA D 129 -2.10 -38.25 -34.56
CA ALA D 129 -1.03 -39.02 -35.24
C ALA D 129 -0.53 -38.26 -36.48
N SER D 130 -1.36 -37.38 -37.05
CA SER D 130 -0.99 -36.55 -38.23
C SER D 130 -1.75 -35.22 -38.19
N PRO D 131 -1.27 -34.17 -38.90
CA PRO D 131 -1.95 -32.88 -38.94
C PRO D 131 -3.39 -32.99 -39.45
N ASN D 132 -3.66 -33.96 -40.35
CA ASN D 132 -4.94 -34.16 -41.06
C ASN D 132 -6.05 -34.52 -40.06
N GLU D 133 -5.70 -35.08 -38.90
CA GLU D 133 -6.66 -35.45 -37.83
C GLU D 133 -7.25 -34.20 -37.17
N CYS D 134 -6.55 -33.05 -37.26
CA CYS D 134 -7.03 -31.73 -36.78
C CYS D 134 -8.23 -31.27 -37.62
N ASN D 135 -9.20 -30.59 -37.01
CA ASN D 135 -10.43 -30.12 -37.67
C ASN D 135 -10.40 -28.59 -37.80
N GLN D 136 -10.44 -28.10 -39.04
CA GLN D 136 -10.56 -26.65 -39.39
C GLN D 136 -11.81 -26.09 -38.70
N MET D 137 -11.65 -25.01 -37.93
CA MET D 137 -12.79 -24.33 -37.25
C MET D 137 -13.50 -23.42 -38.26
N CYS D 138 -14.76 -23.09 -37.99
CA CYS D 138 -15.58 -22.13 -38.78
C CYS D 138 -15.62 -20.80 -38.02
N LEU D 139 -14.72 -19.88 -38.38
CA LEU D 139 -14.68 -18.50 -37.83
C LEU D 139 -15.61 -17.63 -38.69
N SER D 140 -16.80 -17.32 -38.16
CA SER D 140 -17.87 -16.59 -38.88
C SER D 140 -17.96 -15.16 -38.35
N THR D 141 -17.97 -14.18 -39.26
CA THR D 141 -18.26 -12.76 -39.00
C THR D 141 -19.58 -12.39 -39.67
N LEU D 142 -20.52 -11.81 -38.92
CA LEU D 142 -21.77 -11.23 -39.46
C LEU D 142 -21.43 -9.89 -40.12
N MET D 143 -21.33 -9.86 -41.44
CA MET D 143 -20.86 -8.66 -42.19
C MET D 143 -21.51 -8.63 -43.59
N LYS D 144 -21.56 -7.43 -44.18
CA LYS D 144 -22.07 -7.20 -45.55
C LYS D 144 -21.00 -7.63 -46.55
N CYS D 145 -21.39 -8.39 -47.57
CA CYS D 145 -20.54 -8.77 -48.71
C CYS D 145 -20.50 -7.60 -49.70
N ASP D 146 -19.29 -7.12 -50.04
CA ASP D 146 -19.07 -5.95 -50.93
C ASP D 146 -19.45 -6.29 -52.37
N HIS D 147 -19.45 -7.57 -52.75
CA HIS D 147 -19.82 -8.03 -54.12
C HIS D 147 -21.35 -8.05 -54.27
N CYS D 148 -22.06 -8.94 -53.55
CA CYS D 148 -23.51 -9.22 -53.76
C CYS D 148 -24.38 -8.30 -52.89
N GLY D 149 -23.88 -7.83 -51.76
CA GLY D 149 -24.57 -6.84 -50.91
C GLY D 149 -25.44 -7.48 -49.84
N GLU D 150 -25.45 -8.82 -49.76
CA GLU D 150 -26.13 -9.57 -48.66
C GLU D 150 -25.28 -9.46 -47.39
N THR D 151 -25.93 -9.27 -46.24
CA THR D 151 -25.31 -9.33 -44.89
C THR D 151 -25.58 -10.74 -44.33
N SER D 152 -24.53 -11.46 -43.96
CA SER D 152 -24.64 -12.86 -43.47
C SER D 152 -23.43 -13.24 -42.62
N TRP D 153 -23.50 -14.40 -41.97
CA TRP D 153 -22.36 -15.08 -41.32
C TRP D 153 -21.42 -15.61 -42.41
N GLN D 154 -20.37 -14.85 -42.72
CA GLN D 154 -19.30 -15.25 -43.68
C GLN D 154 -18.22 -16.03 -42.92
N THR D 155 -17.81 -17.18 -43.45
CA THR D 155 -16.96 -18.18 -42.75
C THR D 155 -15.56 -18.19 -43.38
N GLY D 156 -14.53 -18.29 -42.53
CA GLY D 156 -13.10 -18.24 -42.92
C GLY D 156 -12.20 -18.22 -41.69
N ASP D 157 -11.45 -17.14 -41.50
CA ASP D 157 -10.45 -17.00 -40.42
C ASP D 157 -10.50 -15.56 -39.89
N PHE D 158 -9.39 -15.07 -39.33
CA PHE D 158 -9.27 -13.74 -38.66
C PHE D 158 -9.29 -12.60 -39.68
N VAL D 159 -8.79 -12.86 -40.90
CA VAL D 159 -8.46 -11.81 -41.91
C VAL D 159 -9.47 -11.86 -43.06
N LYS D 160 -9.81 -13.05 -43.55
CA LYS D 160 -10.67 -13.27 -44.74
C LYS D 160 -11.84 -14.18 -44.38
N ALA D 161 -12.99 -13.97 -45.04
CA ALA D 161 -14.23 -14.77 -44.90
C ALA D 161 -14.91 -14.86 -46.26
N THR D 162 -15.63 -15.96 -46.51
CA THR D 162 -16.33 -16.25 -47.79
C THR D 162 -17.83 -16.07 -47.59
N CYS D 163 -18.46 -15.28 -48.45
CA CYS D 163 -19.93 -15.16 -48.61
C CYS D 163 -20.43 -16.39 -49.38
N GLU D 164 -21.27 -17.22 -48.77
CA GLU D 164 -21.76 -18.49 -49.37
C GLU D 164 -22.75 -18.20 -50.51
N PHE D 165 -23.28 -16.97 -50.59
CA PHE D 165 -24.40 -16.59 -51.49
C PHE D 165 -23.89 -16.18 -52.87
N CYS D 166 -22.67 -15.60 -52.96
CA CYS D 166 -22.02 -15.26 -54.25
C CYS D 166 -20.64 -15.93 -54.37
N GLY D 167 -20.12 -16.52 -53.28
CA GLY D 167 -18.83 -17.24 -53.26
C GLY D 167 -17.62 -16.32 -53.17
N THR D 168 -17.83 -15.00 -53.01
CA THR D 168 -16.74 -13.99 -52.96
C THR D 168 -16.02 -14.09 -51.60
N GLU D 169 -14.69 -14.09 -51.63
CA GLU D 169 -13.81 -14.00 -50.43
C GLU D 169 -13.60 -12.52 -50.11
N ASN D 170 -14.03 -12.10 -48.91
CA ASN D 170 -13.94 -10.71 -48.40
C ASN D 170 -12.96 -10.66 -47.22
N LEU D 171 -12.30 -9.51 -47.03
CA LEU D 171 -11.55 -9.21 -45.79
C LEU D 171 -12.57 -8.97 -44.67
N THR D 172 -12.33 -9.54 -43.48
CA THR D 172 -13.23 -9.45 -42.30
C THR D 172 -13.42 -7.99 -41.91
N LYS D 173 -14.66 -7.60 -41.63
CA LYS D 173 -15.05 -6.27 -41.08
C LYS D 173 -15.25 -6.43 -39.58
N GLU D 174 -15.30 -5.31 -38.86
CA GLU D 174 -15.73 -5.24 -37.44
C GLU D 174 -17.20 -5.66 -37.38
N GLY D 175 -17.61 -6.35 -36.33
CA GLY D 175 -18.97 -6.90 -36.16
C GLY D 175 -18.99 -8.10 -35.25
N ALA D 176 -20.16 -8.74 -35.10
CA ALA D 176 -20.37 -9.95 -34.29
C ALA D 176 -19.51 -11.08 -34.88
N THR D 177 -18.87 -11.89 -34.01
CA THR D 177 -18.11 -13.11 -34.41
C THR D 177 -18.54 -14.30 -33.56
N THR D 178 -18.36 -15.50 -34.11
CA THR D 178 -18.58 -16.81 -33.43
C THR D 178 -17.66 -17.83 -34.09
N CYS D 179 -17.29 -18.88 -33.35
CA CYS D 179 -16.54 -20.06 -33.89
C CYS D 179 -17.50 -21.25 -34.01
N GLY D 180 -18.81 -21.01 -33.83
CA GLY D 180 -19.85 -22.05 -33.84
C GLY D 180 -19.55 -23.14 -32.82
N TYR D 181 -19.87 -24.40 -33.16
CA TYR D 181 -19.62 -25.58 -32.31
C TYR D 181 -18.13 -25.95 -32.41
N LEU D 182 -17.42 -25.92 -31.28
CA LEU D 182 -15.98 -26.26 -31.22
C LEU D 182 -15.83 -27.74 -31.57
N PRO D 183 -15.12 -28.08 -32.67
CA PRO D 183 -14.88 -29.49 -33.01
C PRO D 183 -13.73 -30.04 -32.17
N GLN D 184 -13.52 -31.36 -32.22
CA GLN D 184 -12.32 -32.02 -31.63
C GLN D 184 -11.08 -31.58 -32.43
N ASN D 185 -9.93 -31.54 -31.76
CA ASN D 185 -8.63 -31.16 -32.34
C ASN D 185 -8.81 -29.87 -33.15
N ALA D 186 -9.52 -28.89 -32.58
CA ALA D 186 -9.90 -27.61 -33.23
C ALA D 186 -8.64 -26.82 -33.59
N VAL D 187 -8.52 -26.41 -34.86
CA VAL D 187 -7.40 -25.57 -35.37
C VAL D 187 -7.96 -24.50 -36.30
N VAL D 188 -7.21 -23.41 -36.46
CA VAL D 188 -7.35 -22.42 -37.57
C VAL D 188 -6.06 -22.52 -38.39
N LYS D 189 -6.17 -23.06 -39.62
CA LYS D 189 -5.06 -23.16 -40.60
C LYS D 189 -5.17 -21.98 -41.54
N ILE D 190 -4.13 -21.13 -41.58
CA ILE D 190 -4.08 -19.89 -42.43
C ILE D 190 -2.77 -19.91 -43.22
N TYR D 191 -2.85 -19.46 -44.47
CA TYR D 191 -1.71 -19.16 -45.37
C TYR D 191 -0.66 -18.36 -44.58
N CYS D 192 0.58 -18.85 -44.54
CA CYS D 192 1.72 -18.22 -43.83
C CYS D 192 2.57 -17.43 -44.82
N PRO D 193 2.55 -16.07 -44.75
CA PRO D 193 3.43 -15.25 -45.60
C PRO D 193 4.92 -15.59 -45.49
N ALA D 194 5.41 -15.86 -44.27
CA ALA D 194 6.84 -16.18 -43.99
C ALA D 194 7.22 -17.48 -44.70
N CYS D 195 6.38 -18.51 -44.61
CA CYS D 195 6.59 -19.84 -45.27
C CYS D 195 6.62 -19.71 -46.80
N HIS D 196 5.88 -18.75 -47.37
CA HIS D 196 5.75 -18.54 -48.84
C HIS D 196 6.79 -17.53 -49.35
N ASN D 197 7.51 -16.86 -48.44
CA ASN D 197 8.62 -15.92 -48.75
C ASN D 197 9.91 -16.73 -48.91
N SER D 198 10.45 -16.79 -50.13
CA SER D 198 11.68 -17.57 -50.47
CA SER D 198 11.68 -17.57 -50.47
C SER D 198 12.87 -17.10 -49.64
N GLU D 199 12.92 -15.81 -49.29
CA GLU D 199 14.01 -15.19 -48.49
C GLU D 199 13.92 -15.62 -47.02
N VAL D 200 12.72 -15.96 -46.55
CA VAL D 200 12.47 -16.39 -45.13
C VAL D 200 12.27 -17.91 -45.12
N GLY D 201 11.12 -18.40 -45.57
CA GLY D 201 10.89 -19.83 -45.89
C GLY D 201 10.39 -20.63 -44.70
N PRO D 202 10.11 -21.94 -44.90
CA PRO D 202 9.40 -22.76 -43.92
C PRO D 202 10.12 -23.12 -42.60
N GLU D 203 11.40 -22.75 -42.45
CA GLU D 203 12.17 -22.98 -41.19
C GLU D 203 12.25 -21.67 -40.40
N HIS D 204 11.34 -20.72 -40.64
CA HIS D 204 11.32 -19.37 -40.01
C HIS D 204 11.22 -19.48 -38.48
N SER D 205 11.75 -18.48 -37.79
CA SER D 205 11.64 -18.33 -36.32
C SER D 205 10.20 -17.97 -35.95
N LEU D 206 9.90 -18.00 -34.65
CA LEU D 206 8.62 -17.50 -34.10
C LEU D 206 8.50 -15.99 -34.42
N ALA D 207 9.55 -15.23 -34.10
CA ALA D 207 9.65 -13.77 -34.37
C ALA D 207 9.37 -13.49 -35.84
N GLU D 208 9.98 -14.27 -36.74
CA GLU D 208 9.81 -14.13 -38.21
C GLU D 208 8.37 -14.43 -38.62
N TYR D 209 7.71 -15.40 -37.99
CA TYR D 209 6.29 -15.73 -38.30
C TYR D 209 5.42 -14.48 -38.10
N HIS D 210 5.46 -13.88 -36.90
CA HIS D 210 4.61 -12.75 -36.49
C HIS D 210 4.98 -11.48 -37.28
N ASN D 211 6.25 -11.32 -37.63
CA ASN D 211 6.77 -10.14 -38.39
C ASN D 211 6.11 -10.05 -39.77
N GLU D 212 5.79 -11.18 -40.39
CA GLU D 212 5.32 -11.23 -41.80
C GLU D 212 3.88 -11.73 -41.92
N SER D 213 3.26 -12.21 -40.84
CA SER D 213 1.86 -12.73 -40.84
C SER D 213 0.90 -11.66 -41.35
N GLY D 214 1.17 -10.39 -41.03
CA GLY D 214 0.26 -9.25 -41.29
C GLY D 214 -0.99 -9.34 -40.45
N LEU D 215 -0.94 -10.09 -39.34
CA LEU D 215 -2.07 -10.28 -38.39
C LEU D 215 -1.94 -9.28 -37.24
N LYS D 216 -3.08 -8.76 -36.78
CA LYS D 216 -3.19 -7.90 -35.58
C LYS D 216 -3.30 -8.81 -34.35
N THR D 217 -2.31 -8.74 -33.45
CA THR D 217 -2.24 -9.52 -32.21
C THR D 217 -2.15 -8.56 -31.02
N ILE D 218 -2.47 -9.04 -29.81
CA ILE D 218 -2.15 -8.36 -28.53
C ILE D 218 -0.88 -9.03 -27.97
N LEU D 219 0.16 -8.23 -27.73
CA LEU D 219 1.44 -8.69 -27.14
C LEU D 219 1.36 -8.51 -25.62
N ARG D 220 1.50 -9.60 -24.86
CA ARG D 220 1.43 -9.61 -23.37
C ARG D 220 2.42 -10.64 -22.83
N LYS D 221 3.36 -10.19 -21.99
CA LYS D 221 4.45 -11.02 -21.39
C LYS D 221 5.25 -11.71 -22.51
N GLY D 222 5.42 -11.02 -23.65
CA GLY D 222 6.17 -11.51 -24.82
C GLY D 222 5.34 -12.41 -25.73
N GLY D 223 4.16 -12.87 -25.27
CA GLY D 223 3.25 -13.78 -26.00
C GLY D 223 2.24 -13.03 -26.83
N ARG D 224 1.86 -13.59 -27.98
CA ARG D 224 0.89 -12.96 -28.93
C ARG D 224 -0.38 -13.82 -29.02
N THR D 225 -1.53 -13.18 -28.86
CA THR D 225 -2.87 -13.84 -28.91
C THR D 225 -3.79 -13.04 -29.84
N ILE D 226 -4.76 -13.73 -30.44
CA ILE D 226 -5.87 -13.13 -31.23
C ILE D 226 -7.19 -13.60 -30.62
N ALA D 227 -8.02 -12.66 -30.18
CA ALA D 227 -9.40 -12.90 -29.70
C ALA D 227 -10.34 -12.86 -30.91
N PHE D 228 -11.15 -13.92 -31.10
CA PHE D 228 -12.19 -14.02 -32.15
C PHE D 228 -13.27 -15.02 -31.72
N GLY D 229 -14.53 -14.60 -31.85
CA GLY D 229 -15.72 -15.48 -31.81
C GLY D 229 -15.82 -16.31 -30.55
N GLY D 230 -15.44 -15.74 -29.39
CA GLY D 230 -15.55 -16.41 -28.09
C GLY D 230 -14.35 -17.29 -27.78
N CYS D 231 -13.31 -17.25 -28.61
CA CYS D 231 -12.03 -17.95 -28.38
C CYS D 231 -10.89 -16.94 -28.29
N VAL D 232 -9.79 -17.36 -27.70
CA VAL D 232 -8.47 -16.64 -27.75
C VAL D 232 -7.46 -17.63 -28.34
N PHE D 233 -6.83 -17.24 -29.45
CA PHE D 233 -5.99 -18.10 -30.30
C PHE D 233 -4.51 -17.83 -30.03
N SER D 234 -3.72 -18.90 -30.00
CA SER D 234 -2.24 -18.89 -29.92
C SER D 234 -1.67 -19.67 -31.10
N TYR D 235 -0.54 -19.22 -31.63
CA TYR D 235 0.20 -19.86 -32.75
C TYR D 235 0.95 -21.09 -32.22
N VAL D 236 0.86 -22.21 -32.95
CA VAL D 236 1.49 -23.51 -32.59
C VAL D 236 2.71 -23.76 -33.49
N GLY D 237 2.61 -23.40 -34.77
CA GLY D 237 3.66 -23.62 -35.77
C GLY D 237 3.06 -23.76 -37.16
N CYS D 238 3.90 -24.07 -38.14
CA CYS D 238 3.50 -24.21 -39.56
C CYS D 238 3.70 -25.65 -40.04
N HIS D 239 2.76 -26.12 -40.87
CA HIS D 239 2.85 -27.37 -41.67
C HIS D 239 2.37 -27.08 -43.09
N ASN D 240 3.16 -27.47 -44.10
CA ASN D 240 2.83 -27.32 -45.54
C ASN D 240 2.49 -25.85 -45.84
N LYS D 241 3.27 -24.92 -45.27
CA LYS D 241 3.21 -23.46 -45.52
C LYS D 241 1.92 -22.85 -44.99
N CYS D 242 1.26 -23.51 -44.02
CA CYS D 242 0.06 -23.01 -43.29
C CYS D 242 0.38 -22.88 -41.80
N ALA D 243 0.07 -21.72 -41.22
CA ALA D 243 0.16 -21.47 -39.77
C ALA D 243 -1.05 -22.10 -39.09
N TYR D 244 -0.81 -22.86 -38.02
CA TYR D 244 -1.84 -23.50 -37.17
C TYR D 244 -2.01 -22.66 -35.90
N TRP D 245 -3.17 -22.03 -35.73
CA TRP D 245 -3.59 -21.38 -34.46
C TRP D 245 -4.61 -22.29 -33.79
N VAL D 246 -4.54 -22.40 -32.46
CA VAL D 246 -5.49 -23.23 -31.66
C VAL D 246 -6.22 -22.32 -30.69
N PRO D 247 -7.49 -22.65 -30.35
CA PRO D 247 -8.24 -21.89 -29.36
C PRO D 247 -7.76 -22.24 -27.95
N ARG D 248 -6.61 -21.67 -27.57
CA ARG D 248 -5.93 -21.90 -26.26
C ARG D 248 -6.94 -21.70 -25.14
N ALA D 249 -7.81 -20.69 -25.26
CA ALA D 249 -9.03 -20.52 -24.46
C ALA D 249 -10.25 -20.58 -25.39
N SER D 250 -11.27 -21.34 -25.02
CA SER D 250 -12.57 -21.39 -25.73
C SER D 250 -13.72 -21.24 -24.74
N ALA D 251 -14.67 -20.37 -25.06
CA ALA D 251 -15.94 -20.19 -24.36
C ALA D 251 -16.89 -21.32 -24.75
N ASN D 252 -17.75 -21.72 -23.80
CA ASN D 252 -18.80 -22.75 -23.99
C ASN D 252 -20.08 -22.18 -23.37
N ILE D 253 -21.04 -21.75 -24.19
CA ILE D 253 -22.38 -21.28 -23.74
C ILE D 253 -23.34 -22.47 -23.71
N GLY D 254 -22.86 -23.67 -24.08
CA GLY D 254 -23.64 -24.91 -24.06
C GLY D 254 -23.34 -25.76 -25.29
N CYS D 255 -23.09 -27.05 -25.09
CA CYS D 255 -22.81 -28.06 -26.14
C CYS D 255 -21.65 -27.62 -27.04
N ASN D 256 -20.64 -26.98 -26.46
CA ASN D 256 -19.36 -26.64 -27.13
C ASN D 256 -19.57 -25.49 -28.12
N HIS D 257 -20.72 -24.79 -28.06
CA HIS D 257 -20.94 -23.56 -28.84
C HIS D 257 -20.15 -22.42 -28.17
N THR D 258 -19.39 -21.67 -28.97
CA THR D 258 -18.43 -20.64 -28.51
C THR D 258 -19.15 -19.31 -28.31
N GLY D 259 -20.45 -19.25 -28.64
CA GLY D 259 -21.31 -18.07 -28.44
C GLY D 259 -20.96 -16.94 -29.39
N VAL D 260 -21.44 -15.73 -29.12
CA VAL D 260 -21.26 -14.55 -30.01
C VAL D 260 -20.70 -13.39 -29.18
N VAL D 261 -19.68 -12.71 -29.72
CA VAL D 261 -19.03 -11.51 -29.14
C VAL D 261 -19.00 -10.41 -30.19
N GLY D 262 -18.65 -9.18 -29.79
CA GLY D 262 -18.47 -8.03 -30.69
C GLY D 262 -19.74 -7.21 -30.84
N GLU D 263 -19.75 -6.28 -31.79
CA GLU D 263 -20.86 -5.32 -32.03
C GLU D 263 -22.16 -6.11 -32.27
N GLY D 264 -23.20 -5.80 -31.50
CA GLY D 264 -24.58 -6.33 -31.66
C GLY D 264 -24.70 -7.77 -31.21
N SER D 265 -23.78 -8.26 -30.36
CA SER D 265 -23.67 -9.69 -29.97
C SER D 265 -24.71 -10.06 -28.91
N GLU D 266 -25.13 -9.14 -28.04
CA GLU D 266 -25.94 -9.45 -26.84
C GLU D 266 -27.20 -10.23 -27.27
N GLY D 267 -27.94 -9.71 -28.25
CA GLY D 267 -29.17 -10.34 -28.79
C GLY D 267 -28.89 -11.66 -29.48
N LEU D 268 -27.85 -11.70 -30.33
CA LEU D 268 -27.43 -12.91 -31.09
C LEU D 268 -27.01 -14.00 -30.10
N ASN D 269 -26.20 -13.66 -29.11
CA ASN D 269 -25.74 -14.58 -28.03
C ASN D 269 -26.95 -15.01 -27.18
N ASP D 270 -27.81 -14.05 -26.78
CA ASP D 270 -29.02 -14.32 -25.95
C ASP D 270 -29.90 -15.39 -26.63
N ASN D 271 -30.07 -15.29 -27.95
CA ASN D 271 -30.89 -16.25 -28.74
C ASN D 271 -30.33 -17.66 -28.54
N LEU D 272 -29.01 -17.84 -28.70
CA LEU D 272 -28.31 -19.14 -28.54
C LEU D 272 -28.41 -19.62 -27.08
N LEU D 273 -28.30 -18.71 -26.10
CA LEU D 273 -28.41 -19.05 -24.66
C LEU D 273 -29.80 -19.63 -24.37
N GLU D 274 -30.85 -19.02 -24.94
CA GLU D 274 -32.25 -19.46 -24.82
C GLU D 274 -32.39 -20.91 -25.31
N ILE D 275 -31.75 -21.23 -26.44
CA ILE D 275 -31.79 -22.57 -27.07
C ILE D 275 -30.97 -23.55 -26.22
N LEU D 276 -29.71 -23.23 -25.95
CA LEU D 276 -28.68 -24.19 -25.44
C LEU D 276 -28.80 -24.40 -23.93
N GLN D 277 -29.21 -23.38 -23.16
CA GLN D 277 -29.31 -23.48 -21.68
C GLN D 277 -30.79 -23.53 -21.28
N LYS D 278 -31.68 -23.99 -22.17
CA LYS D 278 -33.12 -24.21 -21.90
C LYS D 278 -33.26 -25.34 -20.86
ZN ZN E . -32.88 30.96 -8.40
ZN ZN F . -21.11 22.89 31.75
ZN ZN G . -33.56 0.87 15.13
ZN ZN H . 44.30 -9.21 -7.62
ZN ZN I . 8.79 -25.91 -24.74
ZN ZN J . 16.38 -33.65 3.32
ZN ZN K . 14.07 11.26 4.19
ZN ZN L . 30.70 21.47 42.80
ZN ZN M . 1.71 30.11 36.00
C1 GOL N . 15.48 13.46 22.24
O1 GOL N . 14.32 14.29 22.22
C2 GOL N . 16.64 14.10 21.49
O2 GOL N . 17.85 13.40 21.78
C3 GOL N . 16.43 14.14 19.98
O3 GOL N . 16.32 15.46 19.50
ZN ZN O . -7.27 2.80 -13.16
ZN ZN P . -21.77 -12.16 -51.49
ZN ZN Q . 5.14 -20.38 -41.60
#